data_6TBL
#
_entry.id   6TBL
#
_cell.length_a   144.070
_cell.length_b   144.070
_cell.length_c   166.430
_cell.angle_alpha   90.000
_cell.angle_beta   90.000
_cell.angle_gamma   90.000
#
_symmetry.space_group_name_H-M   'P 4 21 2'
#
loop_
_entity.id
_entity.type
_entity.pdbx_description
1 polymer 'MMS19 nucleotide excision repair protein homolog'
2 polymer 'MIP18 family protein galla-2'
3 polymer 'Probable cytosolic iron-sulfur protein assembly protein Ciao1'
4 non-polymer 'POTASSIUM ION'
5 non-polymer 1,2-ETHANEDIOL
6 water water
#
loop_
_entity_poly.entity_id
_entity_poly.type
_entity_poly.pdbx_seq_one_letter_code
_entity_poly.pdbx_strand_id
1 'polypeptide(L)'
;GGGRELPTLLSLLLEALSCPDSVVQLSTLSCLQPLLLEAPQIMSLHVDTLVTKFLNLSSSYSMAVRIAALQCMHALTRLP
TSVLLPYKSQVIRALAKPLDDKKRLVRKEAVSARGEWFLLGSPGS
;
A,B
2 'polypeptide(L)'
;GGGRPTEIENINPNVYDRIKERVLTANEEDENVPDPFDKREIFDLIRNINDPEHPLTLEELHVVQEDLIRINDSQNSVHI
SFTPTIPHCSMATLIGLSIRVKLLRSLPPRFKVTVEITPGTHASELAVNKQLADKERVAAALENNHLAEVINQCIAAKG
;
C,D
3 'polypeptide(L)'
;GGGRGRLILEHTLQGHKGRIWGVAWHPKGNVFASCGEDKAIRIWSLTGNTWSTKTILSDGHKRTIREIRWSPCGQYLASA
SFDATTAIWSKSSGEFECNATLEGHENEVKSVSWSRSGGLLATCSRDKSVWIWEVAGDDEFECAAVLNPHTQDVKRVVWH
PTKDILASASYDNTIKMFAEEPIDNDWDCTATLTSHTSTVWGIDFDADGERLVSCSDDTTIKIWRAYHPGNTAGVATPDQ
QTVWKCVCTVSGQHSRAIYDVSWCKLTGLIATACGDDGIRIFKESSDSKPDEPTFEQITAEEGAHDQDVNSVQWNPVVAG
QLISCSDDGTIKIWKVTE
;
E,F
#
loop_
_chem_comp.id
_chem_comp.type
_chem_comp.name
_chem_comp.formula
EDO non-polymer 1,2-ETHANEDIOL 'C2 H6 O2'
K non-polymer 'POTASSIUM ION' 'K 1'
#
# COMPACT_ATOMS: atom_id res chain seq x y z
N PRO A 7 12.72 -25.54 29.32
CA PRO A 7 12.14 -24.57 28.38
C PRO A 7 10.64 -24.76 28.21
N THR A 8 10.01 -23.90 27.41
CA THR A 8 8.57 -23.97 27.20
C THR A 8 8.21 -25.14 26.31
N LEU A 9 6.94 -25.55 26.39
CA LEU A 9 6.45 -26.60 25.50
C LEU A 9 6.46 -26.16 24.05
N LEU A 10 6.27 -24.86 23.80
CA LEU A 10 6.33 -24.38 22.42
C LEU A 10 7.73 -24.55 21.85
N SER A 11 8.76 -24.25 22.63
CA SER A 11 10.13 -24.46 22.18
C SER A 11 10.41 -25.94 21.95
N LEU A 12 9.80 -26.81 22.75
CA LEU A 12 9.99 -28.24 22.55
C LEU A 12 9.25 -28.73 21.32
N LEU A 13 8.06 -28.17 21.06
CA LEU A 13 7.35 -28.50 19.83
C LEU A 13 8.11 -28.04 18.61
N LEU A 14 8.71 -26.84 18.68
CA LEU A 14 9.49 -26.34 17.54
C LEU A 14 10.74 -27.17 17.33
N GLU A 15 11.45 -27.51 18.41
CA GLU A 15 12.65 -28.32 18.28
C GLU A 15 12.33 -29.75 17.87
N ALA A 16 11.10 -30.22 18.11
CA ALA A 16 10.72 -31.55 17.66
C ALA A 16 10.62 -31.65 16.15
N LEU A 17 10.45 -30.51 15.46
CA LEU A 17 10.39 -30.53 14.00
C LEU A 17 11.72 -30.94 13.38
N SER A 18 12.83 -30.77 14.09
CA SER A 18 14.14 -31.16 13.62
C SER A 18 14.50 -32.59 13.98
N CYS A 19 13.65 -33.27 14.74
CA CYS A 19 13.98 -34.64 15.18
C CYS A 19 13.92 -35.59 13.99
N PRO A 20 14.95 -36.43 13.79
CA PRO A 20 14.93 -37.34 12.63
C PRO A 20 13.85 -38.41 12.70
N ASP A 21 13.29 -38.69 13.88
CA ASP A 21 12.29 -39.74 14.00
C ASP A 21 10.95 -39.27 13.41
N SER A 22 10.38 -40.09 12.53
CA SER A 22 9.13 -39.71 11.87
C SER A 22 7.97 -39.68 12.86
N VAL A 23 7.98 -40.57 13.85
CA VAL A 23 6.91 -40.61 14.84
C VAL A 23 6.88 -39.31 15.63
N VAL A 24 8.06 -38.77 15.96
CA VAL A 24 8.12 -37.50 16.66
C VAL A 24 7.64 -36.36 15.77
N GLN A 25 7.94 -36.43 14.48
CA GLN A 25 7.53 -35.37 13.56
C GLN A 25 6.01 -35.34 13.40
N LEU A 26 5.40 -36.50 13.13
CA LEU A 26 3.95 -36.59 13.10
C LEU A 26 3.34 -36.16 14.44
N SER A 27 4.02 -36.46 15.54
CA SER A 27 3.49 -36.11 16.86
C SER A 27 3.43 -34.60 17.06
N THR A 28 4.54 -33.90 16.80
CA THR A 28 4.55 -32.46 17.02
C THR A 28 3.70 -31.72 16.00
N LEU A 29 3.62 -32.24 14.77
CA LEU A 29 2.80 -31.58 13.74
C LEU A 29 1.32 -31.63 14.10
N SER A 30 0.87 -32.70 14.75
CA SER A 30 -0.53 -32.78 15.16
C SER A 30 -0.86 -31.79 16.27
N CYS A 31 0.15 -31.29 16.98
CA CYS A 31 -0.05 -30.25 17.98
C CYS A 31 0.06 -28.86 17.40
N LEU A 32 0.91 -28.67 16.39
CA LEU A 32 1.17 -27.34 15.87
C LEU A 32 0.03 -26.81 15.03
N GLN A 33 -0.64 -27.68 14.27
CA GLN A 33 -1.72 -27.21 13.40
C GLN A 33 -2.84 -26.52 14.17
N PRO A 34 -3.40 -27.08 15.24
CA PRO A 34 -4.44 -26.34 15.98
C PRO A 34 -3.92 -25.04 16.59
N LEU A 35 -2.65 -25.01 17.01
CA LEU A 35 -2.07 -23.78 17.54
C LEU A 35 -2.02 -22.70 16.46
N LEU A 36 -1.70 -23.09 15.22
CA LEU A 36 -1.72 -22.12 14.13
C LEU A 36 -3.11 -21.58 13.86
N LEU A 37 -4.13 -22.41 14.07
CA LEU A 37 -5.49 -21.99 13.76
C LEU A 37 -6.14 -21.20 14.89
N GLU A 38 -5.83 -21.53 16.14
CA GLU A 38 -6.52 -20.93 17.28
C GLU A 38 -5.69 -19.89 18.03
N ALA A 39 -4.37 -19.93 17.92
CA ALA A 39 -3.49 -18.95 18.57
C ALA A 39 -2.55 -18.32 17.55
N PRO A 40 -3.09 -17.63 16.55
CA PRO A 40 -2.22 -17.14 15.47
C PRO A 40 -1.31 -16.00 15.89
N GLN A 41 -1.75 -15.16 16.84
CA GLN A 41 -0.93 -14.02 17.25
C GLN A 41 0.36 -14.48 17.93
N ILE A 42 0.28 -15.56 18.70
CA ILE A 42 1.47 -16.05 19.39
C ILE A 42 2.36 -16.83 18.43
N MET A 43 1.76 -17.58 17.50
CA MET A 43 2.55 -18.35 16.56
C MET A 43 3.31 -17.48 15.57
N SER A 44 2.88 -16.23 15.39
CA SER A 44 3.50 -15.38 14.38
C SER A 44 4.93 -14.99 14.73
N LEU A 45 5.34 -15.12 15.99
CA LEU A 45 6.71 -14.81 16.34
C LEU A 45 7.69 -15.79 15.72
N HIS A 46 7.26 -17.04 15.53
CA HIS A 46 8.14 -18.10 15.07
C HIS A 46 7.88 -18.46 13.62
N VAL A 47 7.43 -17.51 12.81
CA VAL A 47 7.08 -17.79 11.41
C VAL A 47 8.30 -18.33 10.66
N ASP A 48 9.47 -17.72 10.87
CA ASP A 48 10.63 -18.10 10.09
C ASP A 48 11.01 -19.56 10.30
N THR A 49 11.02 -20.02 11.56
CA THR A 49 11.32 -21.42 11.82
C THR A 49 10.15 -22.33 11.49
N LEU A 50 8.91 -21.82 11.56
CA LEU A 50 7.77 -22.62 11.15
C LEU A 50 7.79 -22.87 9.64
N VAL A 51 7.98 -21.81 8.86
CA VAL A 51 8.03 -21.95 7.41
C VAL A 51 9.18 -22.86 7.00
N THR A 52 10.37 -22.65 7.60
CA THR A 52 11.53 -23.42 7.22
C THR A 52 11.32 -24.92 7.47
N LYS A 53 10.93 -25.28 8.70
CA LYS A 53 10.85 -26.68 9.07
C LYS A 53 9.69 -27.38 8.39
N PHE A 54 8.56 -26.69 8.23
CA PHE A 54 7.42 -27.29 7.53
C PHE A 54 7.79 -27.66 6.11
N LEU A 55 8.52 -26.78 5.42
CA LEU A 55 8.92 -27.07 4.05
C LEU A 55 9.86 -28.26 3.98
N ASN A 56 10.81 -28.35 4.93
CA ASN A 56 11.70 -29.50 4.96
C ASN A 56 10.93 -30.80 5.16
N LEU A 57 9.96 -30.78 6.08
CA LEU A 57 9.18 -31.98 6.36
C LEU A 57 8.26 -32.36 5.21
N SER A 58 7.94 -31.43 4.32
CA SER A 58 7.12 -31.73 3.16
C SER A 58 7.85 -32.57 2.12
N SER A 59 9.14 -32.87 2.33
CA SER A 59 9.91 -33.70 1.43
C SER A 59 10.49 -34.92 2.15
N SER A 60 9.82 -35.36 3.22
CA SER A 60 10.30 -36.50 3.99
C SER A 60 9.99 -37.80 3.25
N TYR A 61 10.64 -38.88 3.70
CA TYR A 61 10.37 -40.20 3.13
C TYR A 61 8.96 -40.66 3.47
N SER A 62 8.42 -40.23 4.60
CA SER A 62 7.11 -40.68 5.05
C SER A 62 6.01 -39.91 4.32
N MET A 63 5.04 -40.65 3.78
CA MET A 63 3.90 -40.00 3.14
C MET A 63 3.05 -39.26 4.16
N ALA A 64 2.90 -39.81 5.36
CA ALA A 64 2.07 -39.18 6.37
C ALA A 64 2.70 -37.88 6.87
N VAL A 65 4.03 -37.85 6.97
CA VAL A 65 4.71 -36.63 7.40
C VAL A 65 4.55 -35.53 6.36
N ARG A 66 4.74 -35.86 5.08
CA ARG A 66 4.57 -34.86 4.02
C ARG A 66 3.15 -34.28 4.04
N ILE A 67 2.16 -35.13 4.29
CA ILE A 67 0.78 -34.67 4.37
C ILE A 67 0.59 -33.71 5.53
N ALA A 68 1.03 -34.13 6.72
CA ALA A 68 0.88 -33.29 7.90
C ALA A 68 1.64 -31.97 7.75
N ALA A 69 2.83 -32.03 7.15
CA ALA A 69 3.62 -30.81 6.97
C ALA A 69 2.89 -29.82 6.06
N LEU A 70 2.29 -30.31 4.98
CA LEU A 70 1.57 -29.42 4.07
C LEU A 70 0.29 -28.89 4.71
N GLN A 71 -0.37 -29.68 5.56
CA GLN A 71 -1.54 -29.18 6.27
C GLN A 71 -1.18 -28.05 7.22
N CYS A 72 0.03 -28.08 7.78
CA CYS A 72 0.48 -26.95 8.59
C CYS A 72 0.82 -25.75 7.72
N MET A 73 1.38 -25.99 6.53
CA MET A 73 1.61 -24.90 5.59
C MET A 73 0.30 -24.23 5.22
N HIS A 74 -0.77 -25.00 5.08
CA HIS A 74 -2.10 -24.42 4.87
C HIS A 74 -2.54 -23.66 6.11
N ALA A 75 -2.35 -24.24 7.29
CA ALA A 75 -2.78 -23.59 8.53
C ALA A 75 -1.98 -22.33 8.83
N LEU A 76 -0.77 -22.21 8.28
CA LEU A 76 0.02 -21.00 8.48
C LEU A 76 -0.68 -19.76 7.93
N THR A 77 -1.51 -19.93 6.89
CA THR A 77 -2.19 -18.79 6.29
C THR A 77 -3.20 -18.13 7.21
N ARG A 78 -3.46 -18.70 8.39
CA ARG A 78 -4.34 -18.06 9.37
C ARG A 78 -3.63 -16.97 10.16
N LEU A 79 -2.30 -16.97 10.15
CA LEU A 79 -1.54 -15.92 10.81
C LEU A 79 -1.83 -14.58 10.13
N PRO A 80 -1.53 -13.46 10.79
CA PRO A 80 -1.71 -12.15 10.16
C PRO A 80 -1.00 -12.05 8.83
N THR A 81 -1.72 -11.56 7.82
CA THR A 81 -1.19 -11.52 6.46
C THR A 81 0.04 -10.64 6.35
N SER A 82 0.12 -9.57 7.15
CA SER A 82 1.24 -8.65 7.04
C SER A 82 2.58 -9.31 7.38
N VAL A 83 2.58 -10.40 8.14
CA VAL A 83 3.83 -11.07 8.50
C VAL A 83 4.12 -12.26 7.60
N LEU A 84 3.16 -12.69 6.79
CA LEU A 84 3.38 -13.80 5.88
C LEU A 84 3.88 -13.35 4.51
N LEU A 85 3.55 -12.13 4.10
CA LEU A 85 3.88 -11.68 2.75
C LEU A 85 5.37 -11.73 2.42
N PRO A 86 6.30 -11.40 3.32
CA PRO A 86 7.73 -11.57 2.98
C PRO A 86 8.14 -13.01 2.73
N TYR A 87 7.29 -13.98 3.05
CA TYR A 87 7.54 -15.38 2.75
C TYR A 87 6.73 -15.91 1.57
N LYS A 88 5.76 -15.12 1.09
CA LYS A 88 4.81 -15.63 0.10
C LYS A 88 5.51 -16.12 -1.16
N SER A 89 6.49 -15.36 -1.64
CA SER A 89 7.16 -15.72 -2.89
C SER A 89 7.87 -17.07 -2.76
N GLN A 90 8.73 -17.20 -1.74
CA GLN A 90 9.52 -18.44 -1.62
C GLN A 90 8.64 -19.64 -1.31
N VAL A 91 7.52 -19.44 -0.61
CA VAL A 91 6.63 -20.54 -0.29
C VAL A 91 5.96 -21.07 -1.56
N ILE A 92 5.50 -20.16 -2.42
CA ILE A 92 4.86 -20.59 -3.67
C ILE A 92 5.86 -21.32 -4.55
N ARG A 93 7.12 -20.87 -4.57
CA ARG A 93 8.14 -21.60 -5.30
C ARG A 93 8.42 -22.95 -4.64
N ALA A 94 8.51 -22.98 -3.30
CA ALA A 94 8.80 -24.22 -2.61
C ALA A 94 7.66 -25.23 -2.73
N LEU A 95 6.42 -24.76 -2.62
CA LEU A 95 5.28 -25.66 -2.71
C LEU A 95 5.04 -26.20 -4.11
N ALA A 96 5.77 -25.70 -5.11
CA ALA A 96 5.64 -26.26 -6.45
C ALA A 96 6.18 -27.69 -6.53
N LYS A 97 7.18 -28.01 -5.70
CA LYS A 97 7.73 -29.37 -5.72
C LYS A 97 6.72 -30.40 -5.20
N PRO A 98 6.06 -30.21 -4.05
CA PRO A 98 5.04 -31.18 -3.63
C PRO A 98 3.85 -31.28 -4.58
N LEU A 99 3.66 -30.31 -5.47
CA LEU A 99 2.61 -30.44 -6.48
C LEU A 99 2.89 -31.61 -7.42
N ASP A 100 4.17 -31.98 -7.59
CA ASP A 100 4.56 -33.09 -8.44
C ASP A 100 4.98 -34.31 -7.63
N ASP A 101 4.49 -34.44 -6.40
CA ASP A 101 4.85 -35.59 -5.58
C ASP A 101 4.24 -36.86 -6.16
N LYS A 102 4.86 -37.99 -5.83
CA LYS A 102 4.49 -39.26 -6.42
C LYS A 102 3.17 -39.83 -5.90
N LYS A 103 2.54 -39.20 -4.92
CA LYS A 103 1.29 -39.69 -4.36
C LYS A 103 0.19 -38.65 -4.51
N ARG A 104 -1.02 -39.10 -4.85
CA ARG A 104 -2.14 -38.19 -5.00
CA ARG A 104 -2.14 -38.19 -5.00
C ARG A 104 -2.48 -37.51 -3.69
N LEU A 105 -2.51 -38.27 -2.59
CA LEU A 105 -2.95 -37.73 -1.31
C LEU A 105 -2.09 -36.56 -0.86
N VAL A 106 -0.79 -36.60 -1.13
CA VAL A 106 0.05 -35.49 -0.73
C VAL A 106 -0.05 -34.33 -1.73
N ARG A 107 -0.21 -34.64 -3.02
CA ARG A 107 -0.41 -33.59 -4.01
C ARG A 107 -1.66 -32.78 -3.70
N LYS A 108 -2.74 -33.45 -3.29
CA LYS A 108 -3.97 -32.75 -2.93
C LYS A 108 -3.71 -31.72 -1.84
N GLU A 109 -2.94 -32.09 -0.81
CA GLU A 109 -2.61 -31.13 0.25
C GLU A 109 -1.71 -30.01 -0.26
N ALA A 110 -0.80 -30.32 -1.19
CA ALA A 110 0.05 -29.28 -1.77
C ALA A 110 -0.77 -28.27 -2.56
N VAL A 111 -1.74 -28.76 -3.34
CA VAL A 111 -2.65 -27.85 -4.05
C VAL A 111 -3.39 -26.97 -3.06
N SER A 112 -3.91 -27.57 -1.98
CA SER A 112 -4.68 -26.81 -1.01
C SER A 112 -3.82 -25.77 -0.30
N ALA A 113 -2.59 -26.15 0.09
CA ALA A 113 -1.73 -25.21 0.80
C ALA A 113 -1.25 -24.09 -0.11
N ARG A 114 -0.79 -24.44 -1.32
CA ARG A 114 -0.28 -23.43 -2.24
C ARG A 114 -1.38 -22.48 -2.68
N GLY A 115 -2.61 -22.99 -2.86
CA GLY A 115 -3.71 -22.14 -3.29
C GLY A 115 -4.04 -21.05 -2.30
N GLU A 116 -3.89 -21.33 -1.00
CA GLU A 116 -4.14 -20.32 0.01
C GLU A 116 -3.01 -19.32 0.11
N TRP A 117 -1.79 -19.71 -0.27
CA TRP A 117 -0.68 -18.76 -0.28
C TRP A 117 -0.73 -17.83 -1.49
N PHE A 118 -1.48 -18.19 -2.53
CA PHE A 118 -1.70 -17.26 -3.64
C PHE A 118 -2.63 -16.13 -3.25
N LEU A 119 -3.51 -16.36 -2.28
CA LEU A 119 -4.53 -15.39 -1.89
C LEU A 119 -4.07 -14.42 -0.81
N LEU A 120 -2.80 -14.47 -0.40
CA LEU A 120 -2.36 -13.58 0.66
C LEU A 120 -2.32 -12.13 0.18
N GLY A 121 -1.61 -11.88 -0.92
CA GLY A 121 -1.69 -10.58 -1.58
C GLY A 121 -2.84 -10.53 -2.55
N SER A 122 -4.07 -10.58 -2.03
CA SER A 122 -5.23 -10.68 -2.88
C SER A 122 -6.03 -9.39 -2.84
N PRO A 123 -6.55 -8.93 -3.99
CA PRO A 123 -7.46 -7.77 -3.98
C PRO A 123 -8.64 -7.96 -3.05
N GLY A 124 -9.26 -9.14 -3.05
CA GLY A 124 -10.27 -9.43 -2.06
C GLY A 124 -9.69 -9.44 -0.66
N SER A 125 -10.51 -9.03 0.30
CA SER A 125 -10.07 -8.92 1.70
C SER A 125 -9.59 -10.26 2.25
N LEU B 6 -6.16 -29.10 49.13
CA LEU B 6 -4.73 -29.32 49.00
C LEU B 6 -3.96 -28.07 48.54
N PRO B 7 -4.42 -27.36 47.50
CA PRO B 7 -3.75 -26.12 47.11
C PRO B 7 -3.95 -25.03 48.16
N THR B 8 -3.22 -23.94 48.00
CA THR B 8 -3.33 -22.80 48.90
C THR B 8 -4.69 -22.13 48.73
N LEU B 9 -5.12 -21.43 49.79
CA LEU B 9 -6.35 -20.67 49.67
C LEU B 9 -6.20 -19.53 48.68
N LEU B 10 -4.98 -19.00 48.53
CA LEU B 10 -4.74 -17.96 47.53
C LEU B 10 -5.06 -18.47 46.13
N SER B 11 -4.56 -19.66 45.79
CA SER B 11 -4.85 -20.23 44.47
C SER B 11 -6.34 -20.45 44.27
N LEU B 12 -7.05 -20.85 45.32
CA LEU B 12 -8.49 -21.03 45.20
C LEU B 12 -9.22 -19.69 45.10
N LEU B 13 -8.75 -18.69 45.85
CA LEU B 13 -9.33 -17.36 45.72
C LEU B 13 -9.13 -16.80 44.32
N LEU B 14 -7.92 -16.98 43.78
CA LEU B 14 -7.66 -16.51 42.42
C LEU B 14 -8.51 -17.26 41.41
N GLU B 15 -8.67 -18.57 41.58
CA GLU B 15 -9.52 -19.35 40.68
C GLU B 15 -11.00 -19.08 40.88
N ALA B 16 -11.40 -18.63 42.08
CA ALA B 16 -12.78 -18.26 42.30
C ALA B 16 -13.18 -17.05 41.48
N LEU B 17 -12.21 -16.22 41.07
CA LEU B 17 -12.52 -15.09 40.19
C LEU B 17 -13.04 -15.55 38.84
N SER B 18 -12.70 -16.77 38.41
CA SER B 18 -13.16 -17.32 37.15
C SER B 18 -14.48 -18.06 37.27
N CYS B 19 -15.04 -18.15 38.47
CA CYS B 19 -16.27 -18.91 38.66
C CYS B 19 -17.46 -18.13 38.10
N PRO B 20 -18.31 -18.76 37.28
CA PRO B 20 -19.46 -18.01 36.72
C PRO B 20 -20.48 -17.59 37.77
N ASP B 21 -20.49 -18.20 38.95
CA ASP B 21 -21.47 -17.85 39.96
C ASP B 21 -21.17 -16.47 40.53
N SER B 22 -22.20 -15.61 40.57
CA SER B 22 -22.02 -14.26 41.08
C SER B 22 -21.71 -14.27 42.58
N VAL B 23 -22.30 -15.21 43.32
CA VAL B 23 -22.07 -15.28 44.76
C VAL B 23 -20.62 -15.60 45.06
N VAL B 24 -20.04 -16.52 44.30
CA VAL B 24 -18.63 -16.87 44.50
C VAL B 24 -17.73 -15.70 44.17
N GLN B 25 -18.06 -14.95 43.12
CA GLN B 25 -17.24 -13.81 42.73
C GLN B 25 -17.21 -12.75 43.83
N LEU B 26 -18.38 -12.39 44.36
CA LEU B 26 -18.43 -11.45 45.46
C LEU B 26 -17.68 -11.96 46.68
N SER B 27 -17.68 -13.27 46.89
CA SER B 27 -17.02 -13.85 48.07
C SER B 27 -15.51 -13.65 48.01
N THR B 28 -14.88 -14.10 46.91
CA THR B 28 -13.43 -14.00 46.83
C THR B 28 -12.98 -12.54 46.72
N LEU B 29 -13.78 -11.68 46.09
CA LEU B 29 -13.40 -10.28 45.99
C LEU B 29 -13.36 -9.61 47.36
N SER B 30 -14.28 -10.01 48.25
CA SER B 30 -14.26 -9.48 49.61
C SER B 30 -13.05 -9.96 50.40
N CYS B 31 -12.45 -11.09 50.01
CA CYS B 31 -11.21 -11.56 50.62
C CYS B 31 -9.97 -10.95 50.00
N LEU B 32 -10.00 -10.68 48.69
CA LEU B 32 -8.80 -10.22 48.00
C LEU B 32 -8.48 -8.77 48.35
N GLN B 33 -9.51 -7.94 48.54
CA GLN B 33 -9.27 -6.52 48.79
C GLN B 33 -8.45 -6.28 50.06
N PRO B 34 -8.76 -6.88 51.21
CA PRO B 34 -7.87 -6.67 52.36
C PRO B 34 -6.46 -7.20 52.13
N LEU B 35 -6.33 -8.30 51.39
CA LEU B 35 -5.00 -8.84 51.10
C LEU B 35 -4.19 -7.89 50.24
N LEU B 36 -4.84 -7.22 49.28
CA LEU B 36 -4.14 -6.24 48.46
C LEU B 36 -3.64 -5.07 49.30
N LEU B 37 -4.39 -4.67 50.32
CA LEU B 37 -4.00 -3.52 51.13
C LEU B 37 -2.97 -3.88 52.19
N GLU B 38 -3.03 -5.09 52.74
CA GLU B 38 -2.20 -5.45 53.88
C GLU B 38 -1.05 -6.38 53.55
N ALA B 39 -1.12 -7.13 52.46
CA ALA B 39 -0.02 -8.00 52.02
C ALA B 39 0.35 -7.68 50.58
N PRO B 40 0.83 -6.45 50.32
CA PRO B 40 1.04 -6.06 48.92
C PRO B 40 2.20 -6.79 48.26
N GLN B 41 3.26 -7.10 49.02
CA GLN B 41 4.42 -7.75 48.44
C GLN B 41 4.08 -9.15 47.92
N ILE B 42 3.25 -9.88 48.65
CA ILE B 42 2.88 -11.22 48.22
C ILE B 42 1.87 -11.16 47.07
N MET B 43 0.91 -10.25 47.16
CA MET B 43 -0.06 -10.11 46.07
C MET B 43 0.58 -9.55 44.80
N SER B 44 1.72 -8.86 44.92
CA SER B 44 2.39 -8.34 43.74
C SER B 44 2.94 -9.43 42.83
N LEU B 45 2.99 -10.68 43.30
CA LEU B 45 3.41 -11.78 42.45
C LEU B 45 2.31 -12.24 41.49
N HIS B 46 1.07 -11.78 41.70
CA HIS B 46 -0.05 -12.21 40.88
C HIS B 46 -0.71 -11.04 40.18
N VAL B 47 0.05 -9.97 39.94
CA VAL B 47 -0.49 -8.74 39.35
C VAL B 47 -1.20 -9.06 38.03
N ASP B 48 -0.57 -9.89 37.20
CA ASP B 48 -1.10 -10.16 35.87
C ASP B 48 -2.46 -10.84 35.96
N THR B 49 -2.58 -11.87 36.78
CA THR B 49 -3.87 -12.54 36.92
C THR B 49 -4.88 -11.65 37.61
N LEU B 50 -4.44 -10.88 38.62
CA LEU B 50 -5.34 -10.00 39.35
C LEU B 50 -5.92 -8.92 38.45
N VAL B 51 -5.06 -8.25 37.68
CA VAL B 51 -5.53 -7.18 36.81
C VAL B 51 -6.53 -7.71 35.79
N THR B 52 -6.20 -8.84 35.16
CA THR B 52 -7.07 -9.40 34.13
C THR B 52 -8.44 -9.77 34.69
N LYS B 53 -8.46 -10.48 35.81
CA LYS B 53 -9.73 -10.92 36.38
C LYS B 53 -10.58 -9.74 36.85
N PHE B 54 -9.95 -8.76 37.52
CA PHE B 54 -10.71 -7.61 38.00
C PHE B 54 -11.32 -6.83 36.84
N LEU B 55 -10.55 -6.63 35.76
CA LEU B 55 -11.07 -5.94 34.59
C LEU B 55 -12.22 -6.71 33.96
N ASN B 56 -12.08 -8.03 33.83
CA ASN B 56 -13.17 -8.85 33.33
C ASN B 56 -14.39 -8.75 34.23
N LEU B 57 -14.17 -8.83 35.56
CA LEU B 57 -15.30 -8.78 36.49
C LEU B 57 -15.96 -7.41 36.51
N SER B 58 -15.26 -6.37 36.07
CA SER B 58 -15.83 -5.04 36.10
C SER B 58 -16.92 -4.84 35.06
N SER B 59 -17.02 -5.76 34.10
CA SER B 59 -18.08 -5.72 33.10
C SER B 59 -19.10 -6.83 33.31
N SER B 60 -19.32 -7.21 34.57
CA SER B 60 -20.27 -8.25 34.93
C SER B 60 -21.70 -7.72 34.84
N TYR B 61 -22.65 -8.65 34.71
CA TYR B 61 -24.05 -8.27 34.74
C TYR B 61 -24.45 -7.74 36.12
N SER B 62 -23.78 -8.22 37.18
CA SER B 62 -24.11 -7.83 38.53
C SER B 62 -23.50 -6.47 38.87
N MET B 63 -24.34 -5.55 39.36
CA MET B 63 -23.83 -4.26 39.81
C MET B 63 -22.87 -4.43 40.98
N ALA B 64 -23.18 -5.34 41.91
CA ALA B 64 -22.34 -5.53 43.08
C ALA B 64 -20.98 -6.11 42.68
N VAL B 65 -20.96 -7.02 41.71
CA VAL B 65 -19.70 -7.57 41.24
C VAL B 65 -18.85 -6.49 40.58
N ARG B 66 -19.48 -5.65 39.75
CA ARG B 66 -18.73 -4.56 39.12
C ARG B 66 -18.14 -3.62 40.16
N ILE B 67 -18.92 -3.31 41.20
CA ILE B 67 -18.45 -2.39 42.23
C ILE B 67 -17.28 -2.99 43.00
N ALA B 68 -17.43 -4.24 43.47
CA ALA B 68 -16.35 -4.89 44.20
C ALA B 68 -15.10 -5.01 43.35
N ALA B 69 -15.26 -5.31 42.06
CA ALA B 69 -14.10 -5.48 41.19
C ALA B 69 -13.33 -4.17 41.07
N LEU B 70 -14.03 -3.05 40.89
CA LEU B 70 -13.36 -1.76 40.79
C LEU B 70 -12.73 -1.35 42.10
N GLN B 71 -13.34 -1.72 43.23
CA GLN B 71 -12.71 -1.48 44.52
C GLN B 71 -11.41 -2.26 44.66
N CYS B 72 -11.33 -3.44 44.05
CA CYS B 72 -10.07 -4.17 44.01
C CYS B 72 -9.08 -3.52 43.05
N MET B 73 -9.58 -3.03 41.91
CA MET B 73 -8.73 -2.26 41.00
C MET B 73 -8.14 -1.04 41.71
N HIS B 74 -8.94 -0.38 42.53
CA HIS B 74 -8.44 0.72 43.37
C HIS B 74 -7.38 0.22 44.34
N ALA B 75 -7.67 -0.89 45.03
CA ALA B 75 -6.74 -1.42 46.02
C ALA B 75 -5.45 -1.91 45.40
N LEU B 76 -5.46 -2.24 44.10
CA LEU B 76 -4.23 -2.68 43.43
C LEU B 76 -3.14 -1.62 43.50
N THR B 77 -3.50 -0.35 43.60
CA THR B 77 -2.51 0.72 43.59
C THR B 77 -1.66 0.74 44.86
N ARG B 78 -1.95 -0.11 45.84
CA ARG B 78 -1.09 -0.23 47.01
C ARG B 78 0.09 -1.16 46.79
N LEU B 79 0.08 -1.94 45.71
CA LEU B 79 1.22 -2.77 45.37
C LEU B 79 2.41 -1.88 44.99
N PRO B 80 3.62 -2.43 45.00
CA PRO B 80 4.78 -1.64 44.58
C PRO B 80 4.58 -1.03 43.20
N THR B 81 4.86 0.27 43.10
CA THR B 81 4.61 0.98 41.85
C THR B 81 5.44 0.40 40.70
N SER B 82 6.62 -0.14 41.00
CA SER B 82 7.48 -0.64 39.94
C SER B 82 6.86 -1.83 39.21
N VAL B 83 5.96 -2.57 39.87
CA VAL B 83 5.31 -3.70 39.20
C VAL B 83 3.96 -3.30 38.61
N LEU B 84 3.46 -2.10 38.90
CA LEU B 84 2.21 -1.63 38.34
C LEU B 84 2.39 -0.86 37.04
N LEU B 85 3.53 -0.20 36.87
CA LEU B 85 3.73 0.66 35.71
C LEU B 85 3.59 -0.05 34.37
N PRO B 86 4.06 -1.30 34.18
CA PRO B 86 3.81 -1.97 32.89
C PRO B 86 2.35 -2.27 32.61
N TYR B 87 1.46 -2.12 33.58
CA TYR B 87 0.03 -2.29 33.36
C TYR B 87 -0.74 -0.98 33.32
N LYS B 88 -0.08 0.14 33.62
CA LYS B 88 -0.79 1.41 33.81
C LYS B 88 -1.54 1.81 32.55
N SER B 89 -0.89 1.72 31.38
CA SER B 89 -1.52 2.16 30.15
C SER B 89 -2.76 1.34 29.82
N GLN B 90 -2.65 0.01 29.90
CA GLN B 90 -3.80 -0.82 29.55
C GLN B 90 -4.91 -0.72 30.59
N VAL B 91 -4.57 -0.45 31.84
CA VAL B 91 -5.59 -0.33 32.88
C VAL B 91 -6.40 0.95 32.68
N ILE B 92 -5.73 2.06 32.37
CA ILE B 92 -6.43 3.33 32.21
C ILE B 92 -7.38 3.27 31.03
N ARG B 93 -6.97 2.62 29.93
CA ARG B 93 -7.85 2.49 28.79
C ARG B 93 -9.02 1.56 29.08
N ALA B 94 -8.77 0.48 29.83
CA ALA B 94 -9.85 -0.44 30.18
C ALA B 94 -10.83 0.20 31.15
N LEU B 95 -10.34 0.98 32.12
CA LEU B 95 -11.21 1.61 33.10
C LEU B 95 -12.04 2.74 32.51
N ALA B 96 -11.81 3.13 31.26
CA ALA B 96 -12.66 4.13 30.63
C ALA B 96 -14.07 3.60 30.41
N LYS B 97 -14.21 2.28 30.20
CA LYS B 97 -15.54 1.71 29.97
C LYS B 97 -16.42 1.80 31.22
N PRO B 98 -15.97 1.41 32.42
CA PRO B 98 -16.81 1.61 33.61
C PRO B 98 -17.12 3.06 33.91
N LEU B 99 -16.32 4.01 33.40
CA LEU B 99 -16.66 5.42 33.54
C LEU B 99 -18.00 5.73 32.91
N ASP B 100 -18.38 5.00 31.86
CA ASP B 100 -19.64 5.19 31.16
C ASP B 100 -20.68 4.15 31.57
N ASP B 101 -20.53 3.54 32.74
CA ASP B 101 -21.47 2.52 33.19
C ASP B 101 -22.86 3.12 33.38
N LYS B 102 -23.88 2.27 33.25
CA LYS B 102 -25.26 2.69 33.37
C LYS B 102 -25.67 3.03 34.80
N LYS B 103 -24.80 2.82 35.79
CA LYS B 103 -25.14 3.02 37.19
C LYS B 103 -24.17 4.01 37.83
N ARG B 104 -24.72 4.97 38.58
CA ARG B 104 -23.87 5.95 39.26
CA ARG B 104 -23.87 5.95 39.26
C ARG B 104 -22.91 5.27 40.22
N LEU B 105 -23.38 4.26 40.96
CA LEU B 105 -22.53 3.63 41.96
C LEU B 105 -21.31 2.97 41.33
N VAL B 106 -21.46 2.40 40.14
CA VAL B 106 -20.32 1.79 39.47
C VAL B 106 -19.39 2.87 38.91
N ARG B 107 -19.96 3.91 38.31
CA ARG B 107 -19.13 4.99 37.80
C ARG B 107 -18.30 5.63 38.91
N LYS B 108 -18.89 5.82 40.08
CA LYS B 108 -18.15 6.36 41.22
C LYS B 108 -16.91 5.53 41.49
N GLU B 109 -17.06 4.21 41.54
CA GLU B 109 -15.92 3.33 41.76
C GLU B 109 -14.95 3.37 40.59
N ALA B 110 -15.45 3.52 39.37
CA ALA B 110 -14.57 3.64 38.21
C ALA B 110 -13.71 4.90 38.30
N VAL B 111 -14.33 6.03 38.66
CA VAL B 111 -13.59 7.28 38.83
C VAL B 111 -12.50 7.10 39.88
N SER B 112 -12.86 6.55 41.03
CA SER B 112 -11.91 6.42 42.13
C SER B 112 -10.74 5.52 41.73
N ALA B 113 -11.03 4.37 41.13
CA ALA B 113 -9.97 3.45 40.75
C ALA B 113 -9.08 4.04 39.66
N ARG B 114 -9.69 4.60 38.62
CA ARG B 114 -8.92 5.16 37.50
C ARG B 114 -8.11 6.37 37.95
N GLY B 115 -8.65 7.17 38.88
CA GLY B 115 -7.90 8.32 39.36
C GLY B 115 -6.59 7.93 40.03
N GLU B 116 -6.59 6.84 40.80
CA GLU B 116 -5.38 6.41 41.46
C GLU B 116 -4.37 5.80 40.49
N TRP B 117 -4.85 5.24 39.38
CA TRP B 117 -3.95 4.69 38.37
C TRP B 117 -3.28 5.76 37.52
N PHE B 118 -3.86 6.97 37.44
CA PHE B 118 -3.17 8.06 36.77
C PHE B 118 -1.97 8.54 37.56
N LEU B 119 -1.99 8.39 38.89
CA LEU B 119 -0.95 8.92 39.75
C LEU B 119 0.22 7.97 39.95
N LEU B 120 0.25 6.83 39.24
CA LEU B 120 1.28 5.83 39.50
C LEU B 120 2.66 6.35 39.12
N GLY B 121 2.85 6.70 37.85
CA GLY B 121 4.06 7.34 37.39
C GLY B 121 4.16 8.82 37.68
N SER B 122 3.27 9.35 38.52
CA SER B 122 3.20 10.79 38.75
C SER B 122 4.50 11.28 39.38
N PRO B 123 4.91 12.52 39.07
CA PRO B 123 6.12 13.06 39.73
C PRO B 123 6.00 13.12 41.25
N GLY B 124 4.81 13.45 41.76
CA GLY B 124 4.59 13.35 43.20
C GLY B 124 4.69 11.92 43.68
N SER B 125 5.11 11.77 44.94
CA SER B 125 5.36 10.47 45.57
C SER B 125 6.50 9.71 44.89
N GLY C 3 5.56 -31.75 -34.17
CA GLY C 3 5.13 -31.52 -35.53
C GLY C 3 4.85 -32.80 -36.30
N ARG C 4 5.79 -33.19 -37.16
CA ARG C 4 5.63 -34.41 -37.91
C ARG C 4 5.81 -35.63 -37.00
N PRO C 5 5.04 -36.69 -37.21
CA PRO C 5 5.16 -37.86 -36.34
C PRO C 5 6.49 -38.58 -36.55
N THR C 6 6.98 -39.16 -35.46
CA THR C 6 8.22 -39.94 -35.52
C THR C 6 8.04 -41.13 -36.45
N GLU C 7 9.08 -41.40 -37.24
CA GLU C 7 9.04 -42.51 -38.18
C GLU C 7 8.78 -43.82 -37.43
N ILE C 8 7.90 -44.64 -38.00
CA ILE C 8 7.45 -45.86 -37.33
C ILE C 8 8.61 -46.82 -37.07
N GLU C 9 9.66 -46.75 -37.90
CA GLU C 9 10.80 -47.64 -37.74
C GLU C 9 11.71 -47.24 -36.58
N ASN C 10 11.61 -46.02 -36.10
CA ASN C 10 12.51 -45.49 -35.08
C ASN C 10 11.82 -45.43 -33.72
N ILE C 11 12.63 -45.56 -32.67
CA ILE C 11 12.19 -45.35 -31.29
C ILE C 11 13.22 -44.48 -30.59
N ASN C 12 12.75 -43.47 -29.86
CA ASN C 12 13.66 -42.51 -29.25
C ASN C 12 14.48 -43.18 -28.15
N PRO C 13 15.79 -42.96 -28.09
CA PRO C 13 16.59 -43.61 -27.03
C PRO C 13 16.20 -43.17 -25.63
N ASN C 14 15.97 -41.87 -25.41
CA ASN C 14 15.58 -41.40 -24.09
C ASN C 14 14.27 -42.04 -23.64
N VAL C 15 13.35 -42.26 -24.58
CA VAL C 15 12.09 -42.92 -24.26
C VAL C 15 12.33 -44.38 -23.91
N TYR C 16 13.10 -45.09 -24.75
CA TYR C 16 13.36 -46.50 -24.51
C TYR C 16 14.04 -46.73 -23.17
N ASP C 17 15.08 -45.95 -22.88
CA ASP C 17 15.74 -46.05 -21.58
C ASP C 17 14.77 -45.72 -20.45
N ARG C 18 13.94 -44.69 -20.65
CA ARG C 18 13.01 -44.28 -19.60
C ARG C 18 11.97 -45.36 -19.32
N ILE C 19 11.55 -46.07 -20.37
CA ILE C 19 10.67 -47.22 -20.16
C ILE C 19 11.42 -48.34 -19.45
N LYS C 20 12.68 -48.56 -19.81
CA LYS C 20 13.49 -49.53 -19.09
C LYS C 20 13.79 -49.07 -17.66
N GLU C 21 13.84 -47.76 -17.43
CA GLU C 21 14.01 -47.26 -16.06
C GLU C 21 12.78 -47.59 -15.22
N ARG C 22 11.58 -47.46 -15.80
CA ARG C 22 10.35 -47.80 -15.11
C ARG C 22 10.22 -49.30 -14.88
N VAL C 23 10.98 -50.12 -15.62
CA VAL C 23 10.97 -51.58 -15.42
C VAL C 23 11.45 -51.93 -14.02
N LEU C 24 12.44 -51.21 -13.50
CA LEU C 24 12.93 -51.46 -12.14
C LEU C 24 11.91 -51.09 -11.06
N GLU C 31 2.31 -47.02 -0.84
CA GLU C 31 3.70 -47.44 -0.72
C GLU C 31 4.64 -46.42 -1.37
N ASN C 32 5.69 -46.93 -2.00
CA ASN C 32 6.60 -46.13 -2.79
C ASN C 32 6.18 -46.01 -4.25
N VAL C 33 5.06 -46.65 -4.62
CA VAL C 33 4.62 -46.65 -6.03
C VAL C 33 4.12 -45.25 -6.40
N PRO C 34 4.52 -44.71 -7.55
CA PRO C 34 4.04 -43.38 -7.94
C PRO C 34 2.63 -43.42 -8.52
N ASP C 35 1.91 -42.32 -8.32
CA ASP C 35 0.54 -42.19 -8.80
C ASP C 35 0.48 -41.22 -9.97
N PRO C 36 0.17 -41.67 -11.17
CA PRO C 36 0.15 -40.77 -12.32
C PRO C 36 -1.02 -39.80 -12.26
N PHE C 37 -0.82 -38.64 -12.90
CA PHE C 37 -1.92 -37.70 -13.11
C PHE C 37 -2.92 -38.31 -14.08
N ASP C 38 -4.20 -38.16 -13.77
CA ASP C 38 -5.26 -38.74 -14.60
C ASP C 38 -6.38 -37.72 -14.77
N LYS C 39 -7.35 -38.09 -15.61
CA LYS C 39 -8.47 -37.20 -15.90
C LYS C 39 -9.24 -36.85 -14.63
N ARG C 40 -9.38 -37.81 -13.72
CA ARG C 40 -10.14 -37.56 -12.50
C ARG C 40 -9.50 -36.48 -11.66
N GLU C 41 -8.18 -36.53 -11.52
CA GLU C 41 -7.49 -35.56 -10.67
C GLU C 41 -7.62 -34.14 -11.23
N ILE C 42 -7.49 -33.99 -12.55
CA ILE C 42 -7.68 -32.69 -13.17
C ILE C 42 -9.14 -32.25 -13.03
N PHE C 43 -10.08 -33.18 -13.20
CA PHE C 43 -11.49 -32.84 -13.07
C PHE C 43 -11.81 -32.37 -11.66
N ASP C 44 -11.20 -33.00 -10.65
CA ASP C 44 -11.39 -32.54 -9.28
C ASP C 44 -10.81 -31.15 -9.05
N LEU C 45 -9.90 -30.69 -9.92
CA LEU C 45 -9.33 -29.37 -9.77
C LEU C 45 -10.22 -28.26 -10.32
N ILE C 46 -11.10 -28.58 -11.26
CA ILE C 46 -11.90 -27.56 -11.95
C ILE C 46 -13.40 -27.78 -11.78
N ARG C 47 -13.84 -28.88 -11.19
CA ARG C 47 -15.28 -29.17 -11.16
C ARG C 47 -16.03 -28.23 -10.24
N ASN C 48 -15.39 -27.74 -9.17
CA ASN C 48 -16.06 -26.90 -8.19
C ASN C 48 -15.79 -25.42 -8.38
N ILE C 49 -15.16 -25.03 -9.50
CA ILE C 49 -15.04 -23.63 -9.83
C ILE C 49 -16.43 -23.04 -10.04
N ASN C 50 -16.69 -21.89 -9.42
CA ASN C 50 -18.01 -21.29 -9.49
C ASN C 50 -18.20 -20.52 -10.80
N ASP C 51 -19.44 -20.53 -11.29
CA ASP C 51 -19.78 -19.67 -12.41
C ASP C 51 -19.76 -18.21 -11.96
N PRO C 52 -19.26 -17.30 -12.78
CA PRO C 52 -19.13 -15.91 -12.33
C PRO C 52 -20.46 -15.25 -11.99
N GLU C 53 -21.56 -15.69 -12.60
CA GLU C 53 -22.85 -15.01 -12.45
C GLU C 53 -23.90 -15.82 -11.70
N HIS C 54 -23.71 -17.12 -11.55
CA HIS C 54 -24.76 -17.95 -11.00
C HIS C 54 -24.24 -18.79 -9.84
N PRO C 55 -25.10 -19.09 -8.85
CA PRO C 55 -24.70 -19.90 -7.70
C PRO C 55 -24.61 -21.40 -8.01
N LEU C 56 -23.82 -21.72 -9.04
CA LEU C 56 -23.61 -23.10 -9.45
C LEU C 56 -22.16 -23.27 -9.88
N THR C 57 -21.66 -24.49 -9.77
CA THR C 57 -20.32 -24.80 -10.21
C THR C 57 -20.30 -25.06 -11.72
N LEU C 58 -19.10 -25.02 -12.30
CA LEU C 58 -18.96 -25.35 -13.71
C LEU C 58 -19.35 -26.80 -13.98
N GLU C 59 -19.24 -27.67 -12.98
CA GLU C 59 -19.69 -29.05 -13.13
C GLU C 59 -21.21 -29.12 -13.22
N GLU C 60 -21.91 -28.38 -12.36
CA GLU C 60 -23.37 -28.42 -12.34
C GLU C 60 -23.97 -27.85 -13.62
N LEU C 61 -23.30 -26.90 -14.25
CA LEU C 61 -23.73 -26.33 -15.52
C LEU C 61 -23.18 -27.10 -16.72
N HIS C 62 -22.50 -28.22 -16.48
CA HIS C 62 -21.84 -29.02 -17.52
C HIS C 62 -20.85 -28.21 -18.34
N VAL C 63 -20.32 -27.13 -17.78
CA VAL C 63 -19.29 -26.37 -18.48
C VAL C 63 -17.99 -27.16 -18.53
N VAL C 64 -17.62 -27.81 -17.44
CA VAL C 64 -16.49 -28.73 -17.41
C VAL C 64 -17.02 -30.14 -17.20
N GLN C 65 -16.41 -31.10 -17.87
CA GLN C 65 -16.79 -32.50 -17.77
C GLN C 65 -15.54 -33.35 -17.74
N GLU C 66 -15.61 -34.48 -17.03
CA GLU C 66 -14.43 -35.33 -16.90
C GLU C 66 -13.99 -35.88 -18.25
N ASP C 67 -14.94 -36.22 -19.12
CA ASP C 67 -14.63 -36.76 -20.44
C ASP C 67 -14.32 -35.67 -21.46
N LEU C 68 -14.31 -34.41 -21.04
CA LEU C 68 -13.79 -33.31 -21.85
C LEU C 68 -12.36 -32.95 -21.48
N ILE C 69 -11.70 -33.75 -20.66
CA ILE C 69 -10.34 -33.51 -20.19
C ILE C 69 -9.44 -34.60 -20.76
N ARG C 70 -8.36 -34.19 -21.41
CA ARG C 70 -7.34 -35.11 -21.91
C ARG C 70 -6.00 -34.74 -21.27
N ILE C 71 -5.28 -35.76 -20.83
CA ILE C 71 -4.02 -35.53 -20.12
C ILE C 71 -3.10 -36.73 -20.37
N ASN C 72 -1.81 -36.44 -20.50
CA ASN C 72 -0.76 -37.46 -20.51
C ASN C 72 0.31 -37.02 -19.53
N ASP C 73 0.41 -37.74 -18.42
CA ASP C 73 1.39 -37.39 -17.38
C ASP C 73 2.81 -37.42 -17.94
N SER C 74 3.15 -38.47 -18.68
CA SER C 74 4.52 -38.61 -19.17
C SER C 74 4.86 -37.52 -20.18
N GLN C 75 3.93 -37.20 -21.07
CA GLN C 75 4.15 -36.20 -22.10
C GLN C 75 3.85 -34.78 -21.65
N ASN C 76 3.62 -34.58 -20.34
CA ASN C 76 3.56 -33.25 -19.75
C ASN C 76 2.51 -32.36 -20.42
N SER C 77 1.36 -32.95 -20.77
CA SER C 77 0.36 -32.26 -21.56
C SER C 77 -1.01 -32.42 -20.91
N VAL C 78 -1.76 -31.31 -20.83
CA VAL C 78 -3.13 -31.31 -20.34
C VAL C 78 -3.97 -30.50 -21.31
N HIS C 79 -5.09 -31.06 -21.73
CA HIS C 79 -6.03 -30.37 -22.60
C HIS C 79 -7.39 -30.29 -21.92
N ILE C 80 -7.95 -29.08 -21.86
CA ILE C 80 -9.23 -28.82 -21.22
C ILE C 80 -10.19 -28.28 -22.26
N SER C 81 -11.37 -28.90 -22.37
CA SER C 81 -12.43 -28.44 -23.26
CA SER C 81 -12.43 -28.44 -23.26
C SER C 81 -13.64 -28.09 -22.41
N PHE C 82 -14.06 -26.83 -22.47
CA PHE C 82 -15.18 -26.37 -21.65
C PHE C 82 -16.30 -25.84 -22.54
N THR C 83 -17.54 -26.14 -22.15
CA THR C 83 -18.72 -25.82 -22.95
C THR C 83 -19.47 -24.66 -22.32
N PRO C 84 -19.49 -23.49 -22.94
CA PRO C 84 -20.25 -22.36 -22.37
C PRO C 84 -21.74 -22.67 -22.28
N THR C 85 -22.40 -21.97 -21.36
CA THR C 85 -23.83 -22.23 -21.12
C THR C 85 -24.68 -21.85 -22.32
N ILE C 86 -24.24 -20.86 -23.10
CA ILE C 86 -24.99 -20.39 -24.25
C ILE C 86 -24.03 -20.15 -25.40
N PRO C 87 -24.51 -20.29 -26.65
CA PRO C 87 -23.61 -20.14 -27.80
C PRO C 87 -23.01 -18.75 -27.97
N HIS C 88 -23.58 -17.73 -27.35
CA HIS C 88 -23.02 -16.38 -27.39
C HIS C 88 -22.65 -15.90 -25.99
N CYS C 89 -22.10 -16.80 -25.18
CA CYS C 89 -21.74 -16.47 -23.81
C CYS C 89 -20.65 -15.40 -23.81
N SER C 90 -20.95 -14.26 -23.19
CA SER C 90 -19.98 -13.18 -23.04
C SER C 90 -19.01 -13.42 -21.88
N MET C 91 -19.14 -14.54 -21.19
CA MET C 91 -18.23 -14.89 -20.10
C MET C 91 -17.30 -16.05 -20.47
N ALA C 92 -17.28 -16.47 -21.74
CA ALA C 92 -16.51 -17.65 -22.11
C ALA C 92 -15.03 -17.47 -21.80
N THR C 93 -14.49 -16.29 -22.09
CA THR C 93 -13.08 -16.04 -21.80
C THR C 93 -12.82 -15.98 -20.31
N LEU C 94 -13.72 -15.34 -19.55
CA LEU C 94 -13.56 -15.27 -18.11
C LEU C 94 -13.61 -16.66 -17.48
N ILE C 95 -14.56 -17.49 -17.91
CA ILE C 95 -14.65 -18.86 -17.40
C ILE C 95 -13.40 -19.64 -17.74
N GLY C 96 -13.01 -19.62 -19.02
CA GLY C 96 -11.77 -20.28 -19.42
C GLY C 96 -10.56 -19.75 -18.70
N LEU C 97 -10.56 -18.46 -18.38
CA LEU C 97 -9.44 -17.89 -17.63
C LEU C 97 -9.40 -18.42 -16.20
N SER C 98 -10.57 -18.61 -15.58
CA SER C 98 -10.59 -19.16 -14.23
C SER C 98 -10.03 -20.57 -14.20
N ILE C 99 -10.30 -21.35 -15.25
CA ILE C 99 -9.74 -22.70 -15.33
C ILE C 99 -8.22 -22.64 -15.41
N ARG C 100 -7.68 -21.73 -16.20
CA ARG C 100 -6.24 -21.62 -16.34
C ARG C 100 -5.58 -21.24 -15.02
N VAL C 101 -6.12 -20.21 -14.35
CA VAL C 101 -5.51 -19.75 -13.10
C VAL C 101 -5.47 -20.86 -12.06
N LYS C 102 -6.57 -21.61 -11.93
CA LYS C 102 -6.59 -22.72 -10.99
C LYS C 102 -5.56 -23.78 -11.36
N LEU C 103 -5.51 -24.15 -12.65
CA LEU C 103 -4.52 -25.13 -13.09
C LEU C 103 -3.12 -24.57 -13.03
N LEU C 104 -2.95 -23.29 -13.33
CA LEU C 104 -1.62 -22.67 -13.25
C LEU C 104 -1.08 -22.73 -11.83
N ARG C 105 -1.95 -22.59 -10.83
CA ARG C 105 -1.52 -22.63 -9.43
C ARG C 105 -1.42 -24.04 -8.88
N SER C 106 -2.25 -24.96 -9.38
CA SER C 106 -2.35 -26.30 -8.81
C SER C 106 -1.48 -27.34 -9.50
N LEU C 107 -1.03 -27.09 -10.75
CA LEU C 107 -0.27 -28.11 -11.45
C LEU C 107 1.22 -27.78 -11.43
N PRO C 108 2.07 -28.81 -11.50
CA PRO C 108 3.50 -28.55 -11.63
C PRO C 108 3.79 -27.78 -12.91
N PRO C 109 4.80 -26.91 -12.90
CA PRO C 109 5.06 -26.08 -14.08
C PRO C 109 5.46 -26.86 -15.32
N ARG C 110 5.87 -28.13 -15.17
CA ARG C 110 6.20 -28.95 -16.32
C ARG C 110 4.99 -29.20 -17.23
N PHE C 111 3.78 -29.02 -16.72
CA PHE C 111 2.57 -29.30 -17.48
C PHE C 111 2.21 -28.10 -18.36
N LYS C 112 2.02 -28.38 -19.65
CA LYS C 112 1.56 -27.38 -20.61
C LYS C 112 0.06 -27.55 -20.80
N VAL C 113 -0.71 -26.56 -20.36
CA VAL C 113 -2.16 -26.63 -20.32
C VAL C 113 -2.74 -25.91 -21.53
N THR C 114 -3.66 -26.57 -22.23
CA THR C 114 -4.42 -25.98 -23.31
C THR C 114 -5.89 -25.98 -22.91
N VAL C 115 -6.51 -24.79 -22.90
CA VAL C 115 -7.92 -24.63 -22.55
C VAL C 115 -8.64 -24.05 -23.76
N GLU C 116 -9.55 -24.82 -24.33
CA GLU C 116 -10.29 -24.42 -25.53
C GLU C 116 -11.77 -24.64 -25.32
N ILE C 117 -12.57 -23.87 -26.06
CA ILE C 117 -14.01 -24.08 -26.06
C ILE C 117 -14.33 -25.37 -26.81
N THR C 118 -15.25 -26.15 -26.27
CA THR C 118 -15.69 -27.36 -26.94
C THR C 118 -16.15 -27.02 -28.36
N PRO C 119 -15.65 -27.74 -29.37
CA PRO C 119 -15.93 -27.33 -30.76
C PRO C 119 -17.42 -27.28 -31.06
N GLY C 120 -17.84 -26.17 -31.67
CA GLY C 120 -19.22 -25.99 -32.09
C GLY C 120 -20.16 -25.52 -31.03
N THR C 121 -19.67 -25.22 -29.82
CA THR C 121 -20.53 -24.82 -28.72
C THR C 121 -20.53 -23.31 -28.49
N HIS C 122 -19.76 -22.55 -29.25
CA HIS C 122 -19.72 -21.10 -29.07
C HIS C 122 -19.41 -20.44 -30.41
N ALA C 123 -20.00 -19.27 -30.62
CA ALA C 123 -19.89 -18.59 -31.92
C ALA C 123 -18.50 -18.04 -32.16
N SER C 124 -17.80 -17.61 -31.10
CA SER C 124 -16.50 -16.99 -31.22
C SER C 124 -15.39 -17.87 -30.64
N GLU C 125 -15.50 -19.18 -30.86
CA GLU C 125 -14.58 -20.10 -30.18
C GLU C 125 -13.14 -19.91 -30.63
N LEU C 126 -12.92 -19.68 -31.92
CA LEU C 126 -11.56 -19.46 -32.40
C LEU C 126 -10.94 -18.24 -31.73
N ALA C 127 -11.69 -17.14 -31.65
CA ALA C 127 -11.17 -15.94 -31.03
C ALA C 127 -10.94 -16.13 -29.53
N VAL C 128 -11.84 -16.85 -28.86
CA VAL C 128 -11.68 -17.08 -27.43
C VAL C 128 -10.48 -17.99 -27.17
N ASN C 129 -10.35 -19.07 -27.97
CA ASN C 129 -9.23 -19.98 -27.79
C ASN C 129 -7.90 -19.26 -27.94
N LYS C 130 -7.84 -18.31 -28.87
CA LYS C 130 -6.59 -17.59 -29.13
C LYS C 130 -6.20 -16.70 -27.95
N GLN C 131 -7.20 -16.10 -27.29
CA GLN C 131 -6.92 -15.28 -26.12
C GLN C 131 -6.36 -16.13 -24.98
N LEU C 132 -7.03 -17.24 -24.67
CA LEU C 132 -6.61 -18.10 -23.58
C LEU C 132 -5.26 -18.75 -23.82
N ALA C 133 -4.87 -18.93 -25.09
CA ALA C 133 -3.57 -19.51 -25.41
C ALA C 133 -2.44 -18.50 -25.41
N ASP C 134 -2.76 -17.21 -25.35
CA ASP C 134 -1.73 -16.16 -25.33
C ASP C 134 -1.32 -15.92 -23.89
N LYS C 135 -0.15 -16.45 -23.52
CA LYS C 135 0.28 -16.36 -22.12
C LYS C 135 0.57 -14.93 -21.72
N GLU C 136 0.95 -14.07 -22.68
CA GLU C 136 1.23 -12.68 -22.36
C GLU C 136 -0.05 -11.93 -22.01
N ARG C 137 -1.10 -12.11 -22.81
CA ARG C 137 -2.36 -11.45 -22.53
C ARG C 137 -3.00 -12.01 -21.26
N VAL C 138 -2.86 -13.33 -21.03
CA VAL C 138 -3.34 -13.92 -19.79
C VAL C 138 -2.61 -13.31 -18.59
N ALA C 139 -1.29 -13.15 -18.71
CA ALA C 139 -0.53 -12.55 -17.61
C ALA C 139 -0.98 -11.11 -17.36
N ALA C 140 -1.13 -10.32 -18.43
CA ALA C 140 -1.58 -8.95 -18.29
C ALA C 140 -3.00 -8.89 -17.70
N ALA C 141 -3.85 -9.86 -18.04
CA ALA C 141 -5.20 -9.86 -17.50
C ALA C 141 -5.21 -10.06 -15.98
N LEU C 142 -4.27 -10.84 -15.46
CA LEU C 142 -4.23 -11.10 -14.03
C LEU C 142 -3.77 -9.88 -13.22
N GLU C 143 -3.10 -8.92 -13.87
CA GLU C 143 -2.71 -7.70 -13.18
C GLU C 143 -3.85 -6.70 -13.09
N ASN C 144 -5.01 -7.02 -13.66
CA ASN C 144 -6.24 -6.25 -13.42
C ASN C 144 -6.81 -6.69 -12.08
N ASN C 145 -6.81 -5.76 -11.11
CA ASN C 145 -7.23 -6.14 -9.75
C ASN C 145 -8.68 -6.57 -9.71
N HIS C 146 -9.56 -5.88 -10.44
CA HIS C 146 -10.97 -6.28 -10.45
C HIS C 146 -11.14 -7.64 -11.13
N LEU C 147 -10.36 -7.91 -12.17
CA LEU C 147 -10.48 -9.19 -12.88
C LEU C 147 -9.95 -10.34 -12.04
N ALA C 148 -8.80 -10.14 -11.39
CA ALA C 148 -8.23 -11.18 -10.54
C ALA C 148 -9.10 -11.45 -9.32
N GLU C 149 -9.80 -10.43 -8.82
CA GLU C 149 -10.68 -10.64 -7.67
C GLU C 149 -11.88 -11.48 -8.05
N VAL C 150 -12.45 -11.25 -9.23
CA VAL C 150 -13.59 -12.05 -9.69
C VAL C 150 -13.14 -13.49 -9.92
N ILE C 151 -11.96 -13.67 -10.49
CA ILE C 151 -11.44 -15.02 -10.69
C ILE C 151 -11.27 -15.74 -9.35
N ASN C 152 -10.71 -15.04 -8.36
CA ASN C 152 -10.51 -15.66 -7.05
C ASN C 152 -11.83 -16.09 -6.43
N GLN C 153 -12.91 -15.34 -6.68
CA GLN C 153 -14.22 -15.77 -6.20
C GLN C 153 -14.63 -17.10 -6.82
N CYS C 154 -14.32 -17.29 -8.11
CA CYS C 154 -14.67 -18.53 -8.78
C CYS C 154 -13.77 -19.68 -8.33
N ILE C 155 -12.50 -19.37 -8.07
CA ILE C 155 -11.52 -20.39 -7.67
C ILE C 155 -11.65 -20.78 -6.20
N ALA C 156 -12.27 -19.93 -5.38
CA ALA C 156 -12.32 -20.17 -3.95
C ALA C 156 -13.04 -21.49 -3.65
N ALA C 157 -12.52 -22.21 -2.64
CA ALA C 157 -13.05 -23.50 -2.24
C ALA C 157 -13.79 -23.33 -0.91
N LYS C 158 -15.09 -23.64 -0.91
CA LYS C 158 -15.90 -23.58 0.30
C LYS C 158 -17.06 -24.58 0.24
N GLY D 2 -20.84 28.29 16.16
CA GLY D 2 -21.35 26.99 16.54
C GLY D 2 -22.20 26.32 15.47
N GLY D 3 -23.27 25.66 15.89
CA GLY D 3 -24.17 24.96 14.99
C GLY D 3 -25.49 25.70 14.84
N ARG D 4 -25.91 25.88 13.60
CA ARG D 4 -27.16 26.56 13.32
C ARG D 4 -28.33 25.66 13.73
N PRO D 5 -29.39 26.23 14.32
CA PRO D 5 -30.50 25.40 14.79
C PRO D 5 -31.25 24.75 13.65
N THR D 6 -31.67 23.50 13.88
CA THR D 6 -32.48 22.78 12.91
C THR D 6 -33.80 23.52 12.67
N GLU D 7 -34.22 23.55 11.40
CA GLU D 7 -35.49 24.17 11.06
C GLU D 7 -36.62 23.52 11.85
N ILE D 8 -37.52 24.36 12.37
CA ILE D 8 -38.55 23.91 13.30
C ILE D 8 -39.45 22.86 12.67
N GLU D 9 -39.59 22.88 11.34
CA GLU D 9 -40.44 21.92 10.65
C GLU D 9 -39.81 20.53 10.56
N ASN D 10 -38.50 20.43 10.77
CA ASN D 10 -37.79 19.18 10.56
C ASN D 10 -37.43 18.54 11.89
N ILE D 11 -37.35 17.22 11.89
CA ILE D 11 -36.81 16.43 12.99
C ILE D 11 -35.82 15.43 12.41
N ASN D 12 -34.66 15.32 13.05
CA ASN D 12 -33.60 14.47 12.53
C ASN D 12 -34.00 13.00 12.64
N PRO D 13 -33.79 12.20 11.58
CA PRO D 13 -34.19 10.78 11.67
C PRO D 13 -33.44 10.01 12.75
N ASN D 14 -32.13 10.21 12.89
CA ASN D 14 -31.39 9.52 13.94
C ASN D 14 -31.91 9.91 15.31
N VAL D 15 -32.32 11.16 15.47
CA VAL D 15 -32.88 11.61 16.75
C VAL D 15 -34.24 10.95 16.98
N TYR D 16 -35.11 10.96 15.97
CA TYR D 16 -36.42 10.32 16.09
C TYR D 16 -36.28 8.84 16.40
N ASP D 17 -35.35 8.16 15.73
CA ASP D 17 -35.08 6.76 16.05
C ASP D 17 -34.60 6.61 17.49
N ARG D 18 -33.76 7.54 17.95
CA ARG D 18 -33.27 7.46 19.32
C ARG D 18 -34.41 7.58 20.33
N ILE D 19 -35.40 8.42 20.04
CA ILE D 19 -36.56 8.53 20.92
C ILE D 19 -37.37 7.24 20.90
N LYS D 20 -37.55 6.65 19.71
CA LYS D 20 -38.31 5.40 19.63
C LYS D 20 -37.54 4.23 20.23
N GLU D 21 -36.21 4.25 20.16
CA GLU D 21 -35.42 3.21 20.80
C GLU D 21 -35.61 3.25 22.32
N ARG D 22 -35.82 4.44 22.88
CA ARG D 22 -35.93 4.58 24.33
C ARG D 22 -37.30 4.18 24.86
N VAL D 23 -38.32 4.07 24.01
CA VAL D 23 -39.64 3.70 24.51
C VAL D 23 -39.66 2.23 24.94
N LEU D 24 -38.77 1.41 24.39
CA LEU D 24 -38.70 0.00 24.76
C LEU D 24 -37.90 -0.17 26.05
N GLU D 31 -35.29 -3.83 38.90
CA GLU D 31 -34.70 -3.94 37.57
C GLU D 31 -33.43 -3.08 37.44
N ASN D 32 -32.76 -3.17 36.31
CA ASN D 32 -31.61 -2.34 36.00
C ASN D 32 -32.04 -1.24 35.03
N VAL D 33 -31.72 0.00 35.37
CA VAL D 33 -32.14 1.17 34.60
C VAL D 33 -30.91 2.08 34.48
N PRO D 34 -30.69 2.71 33.32
CA PRO D 34 -29.55 3.62 33.21
C PRO D 34 -29.76 4.88 34.01
N ASP D 35 -28.70 5.31 34.71
CA ASP D 35 -28.74 6.53 35.50
C ASP D 35 -28.08 7.66 34.71
N PRO D 36 -28.82 8.70 34.32
CA PRO D 36 -28.21 9.74 33.49
C PRO D 36 -27.24 10.60 34.28
N PHE D 37 -26.25 11.13 33.56
CA PHE D 37 -25.35 12.11 34.14
C PHE D 37 -26.12 13.39 34.47
N ASP D 38 -25.94 13.91 35.68
CA ASP D 38 -26.63 15.10 36.12
C ASP D 38 -25.62 16.11 36.68
N LYS D 39 -26.13 17.30 37.00
CA LYS D 39 -25.28 18.34 37.58
C LYS D 39 -24.64 17.86 38.87
N ARG D 40 -25.40 17.14 39.70
CA ARG D 40 -24.89 16.69 40.98
C ARG D 40 -23.67 15.80 40.81
N GLU D 41 -23.73 14.87 39.85
CA GLU D 41 -22.60 13.95 39.68
C GLU D 41 -21.34 14.68 39.23
N ILE D 42 -21.49 15.65 38.33
CA ILE D 42 -20.35 16.48 37.94
C ILE D 42 -19.87 17.31 39.11
N PHE D 43 -20.79 17.86 39.90
CA PHE D 43 -20.40 18.68 41.04
C PHE D 43 -19.60 17.86 42.04
N ASP D 44 -19.99 16.60 42.26
CA ASP D 44 -19.24 15.73 43.15
C ASP D 44 -17.83 15.44 42.64
N LEU D 45 -17.57 15.65 41.34
CA LEU D 45 -16.25 15.41 40.80
C LEU D 45 -15.30 16.58 41.02
N ILE D 46 -15.83 17.80 41.14
CA ILE D 46 -14.99 19.00 41.23
C ILE D 46 -15.15 19.76 42.53
N ARG D 47 -16.14 19.44 43.36
CA ARG D 47 -16.39 20.26 44.56
C ARG D 47 -15.24 20.16 45.56
N ASN D 48 -14.56 19.01 45.61
CA ASN D 48 -13.50 18.80 46.59
C ASN D 48 -12.10 19.02 46.03
N ILE D 49 -12.00 19.62 44.84
CA ILE D 49 -10.69 20.00 44.31
C ILE D 49 -10.12 21.10 45.20
N ASN D 50 -8.84 20.95 45.56
CA ASN D 50 -8.22 21.88 46.50
C ASN D 50 -7.76 23.15 45.79
N ASP D 51 -7.86 24.27 46.48
CA ASP D 51 -7.31 25.51 45.98
C ASP D 51 -5.77 25.41 45.99
N PRO D 52 -5.10 25.91 44.95
CA PRO D 52 -3.63 25.79 44.91
C PRO D 52 -2.93 26.46 46.08
N GLU D 53 -3.47 27.57 46.60
CA GLU D 53 -2.78 28.37 47.59
C GLU D 53 -3.35 28.27 49.00
N HIS D 54 -4.58 27.80 49.16
CA HIS D 54 -5.24 27.85 50.46
C HIS D 54 -5.80 26.48 50.83
N PRO D 55 -5.87 26.17 52.15
CA PRO D 55 -6.38 24.87 52.61
C PRO D 55 -7.91 24.76 52.59
N LEU D 56 -8.50 25.10 51.44
CA LEU D 56 -9.94 25.02 51.26
C LEU D 56 -10.22 24.50 49.86
N THR D 57 -11.40 23.91 49.69
CA THR D 57 -11.79 23.37 48.41
C THR D 57 -12.42 24.45 47.55
N LEU D 58 -12.56 24.15 46.25
CA LEU D 58 -13.22 25.08 45.34
C LEU D 58 -14.68 25.30 45.73
N GLU D 59 -15.29 24.30 46.38
CA GLU D 59 -16.66 24.48 46.84
C GLU D 59 -16.73 25.44 48.02
N GLU D 60 -15.81 25.28 48.99
CA GLU D 60 -15.81 26.15 50.15
C GLU D 60 -15.48 27.59 49.79
N LEU D 61 -14.73 27.81 48.72
CA LEU D 61 -14.46 29.14 48.22
C LEU D 61 -15.50 29.62 47.22
N HIS D 62 -16.54 28.82 46.95
CA HIS D 62 -17.57 29.13 45.98
C HIS D 62 -16.99 29.36 44.58
N VAL D 63 -15.81 28.80 44.32
CA VAL D 63 -15.25 28.83 42.98
C VAL D 63 -16.05 27.93 42.05
N VAL D 64 -16.47 26.77 42.53
CA VAL D 64 -17.37 25.89 41.81
C VAL D 64 -18.69 25.82 42.55
N GLN D 65 -19.80 25.78 41.80
CA GLN D 65 -21.13 25.69 42.36
C GLN D 65 -21.97 24.78 41.48
N GLU D 66 -22.91 24.06 42.10
CA GLU D 66 -23.69 23.09 41.35
C GLU D 66 -24.55 23.77 40.29
N ASP D 67 -25.09 24.95 40.59
CA ASP D 67 -25.91 25.68 39.62
C ASP D 67 -25.08 26.49 38.64
N LEU D 68 -23.76 26.36 38.68
CA LEU D 68 -22.88 26.86 37.62
C LEU D 68 -22.44 25.75 36.67
N ILE D 69 -23.05 24.57 36.78
CA ILE D 69 -22.72 23.42 35.95
C ILE D 69 -23.91 23.14 35.05
N ARG D 70 -23.65 23.01 33.75
CA ARG D 70 -24.66 22.63 32.77
C ARG D 70 -24.17 21.39 32.05
N ILE D 71 -25.06 20.41 31.89
CA ILE D 71 -24.70 19.13 31.29
C ILE D 71 -25.92 18.55 30.59
N ASN D 72 -25.67 17.88 29.47
CA ASN D 72 -26.68 17.09 28.78
C ASN D 72 -26.06 15.74 28.47
N ASP D 73 -26.51 14.70 29.16
CA ASP D 73 -25.95 13.36 28.97
C ASP D 73 -26.10 12.88 27.54
N SER D 74 -27.29 13.07 26.95
CA SER D 74 -27.53 12.56 25.61
C SER D 74 -26.69 13.31 24.58
N GLN D 75 -26.59 14.64 24.70
CA GLN D 75 -25.84 15.45 23.76
C GLN D 75 -24.34 15.50 24.07
N ASN D 76 -23.88 14.71 25.03
CA ASN D 76 -22.44 14.51 25.28
C ASN D 76 -21.72 15.83 25.54
N SER D 77 -22.37 16.74 26.24
CA SER D 77 -21.84 18.09 26.45
C SER D 77 -21.88 18.44 27.94
N VAL D 78 -20.76 18.93 28.46
CA VAL D 78 -20.64 19.42 29.83
C VAL D 78 -20.06 20.83 29.79
N HIS D 79 -20.67 21.75 30.53
CA HIS D 79 -20.16 23.11 30.67
C HIS D 79 -19.95 23.42 32.14
N ILE D 80 -18.77 23.91 32.47
CA ILE D 80 -18.41 24.27 33.84
C ILE D 80 -18.06 25.75 33.88
N SER D 81 -18.71 26.47 34.80
CA SER D 81 -18.44 27.89 35.02
CA SER D 81 -18.44 27.89 35.02
C SER D 81 -17.88 28.05 36.44
N PHE D 82 -16.64 28.54 36.53
CA PHE D 82 -16.00 28.70 37.83
C PHE D 82 -15.67 30.16 38.09
N THR D 83 -15.81 30.56 39.35
CA THR D 83 -15.68 31.95 39.76
C THR D 83 -14.39 32.15 40.54
N PRO D 84 -13.39 32.85 40.00
CA PRO D 84 -12.16 33.10 40.76
C PRO D 84 -12.44 33.90 42.02
N THR D 85 -11.53 33.76 42.97
CA THR D 85 -11.72 34.41 44.27
C THR D 85 -11.56 35.93 44.19
N ILE D 86 -10.74 36.42 43.26
CA ILE D 86 -10.57 37.86 43.07
C ILE D 86 -10.59 38.17 41.59
N PRO D 87 -11.00 39.40 41.23
CA PRO D 87 -11.10 39.75 39.81
C PRO D 87 -9.79 39.69 39.03
N HIS D 88 -8.64 39.78 39.71
CA HIS D 88 -7.33 39.69 39.04
C HIS D 88 -6.56 38.49 39.55
N CYS D 89 -7.24 37.36 39.77
CA CYS D 89 -6.60 36.16 40.27
C CYS D 89 -5.58 35.65 39.27
N SER D 90 -4.32 35.52 39.70
CA SER D 90 -3.25 35.00 38.87
C SER D 90 -3.24 33.48 38.81
N MET D 91 -4.19 32.81 39.48
CA MET D 91 -4.31 31.36 39.45
C MET D 91 -5.50 30.87 38.64
N ALA D 92 -6.21 31.78 37.96
CA ALA D 92 -7.46 31.42 37.29
C ALA D 92 -7.26 30.32 36.26
N THR D 93 -6.18 30.41 35.49
CA THR D 93 -5.92 29.38 34.48
C THR D 93 -5.55 28.06 35.14
N LEU D 94 -4.78 28.11 36.22
CA LEU D 94 -4.40 26.87 36.91
C LEU D 94 -5.62 26.19 37.53
N ILE D 95 -6.53 26.98 38.11
CA ILE D 95 -7.71 26.41 38.74
C ILE D 95 -8.61 25.73 37.71
N GLY D 96 -8.89 26.43 36.61
CA GLY D 96 -9.66 25.82 35.54
C GLY D 96 -8.97 24.63 34.92
N LEU D 97 -7.63 24.62 34.93
CA LEU D 97 -6.89 23.48 34.38
C LEU D 97 -7.05 22.25 35.25
N SER D 98 -7.02 22.42 36.58
CA SER D 98 -7.24 21.29 37.47
C SER D 98 -8.64 20.73 37.30
N ILE D 99 -9.64 21.59 37.09
CA ILE D 99 -10.98 21.12 36.80
C ILE D 99 -10.99 20.29 35.53
N ARG D 100 -10.24 20.71 34.51
CA ARG D 100 -10.21 19.97 33.25
C ARG D 100 -9.57 18.61 33.43
N VAL D 101 -8.41 18.56 34.09
CA VAL D 101 -7.71 17.29 34.29
C VAL D 101 -8.60 16.31 35.06
N LYS D 102 -9.24 16.79 36.13
CA LYS D 102 -10.14 15.93 36.89
C LYS D 102 -11.24 15.38 36.00
N LEU D 103 -11.92 16.25 35.25
CA LEU D 103 -12.98 15.80 34.36
C LEU D 103 -12.42 14.97 33.20
N LEU D 104 -11.20 15.29 32.76
CA LEU D 104 -10.58 14.49 31.70
C LEU D 104 -10.36 13.05 32.14
N ARG D 105 -9.98 12.86 33.41
CA ARG D 105 -9.72 11.52 33.92
C ARG D 105 -10.99 10.80 34.34
N SER D 106 -12.00 11.53 34.79
CA SER D 106 -13.19 10.93 35.40
C SER D 106 -14.35 10.75 34.43
N LEU D 107 -14.38 11.46 33.31
CA LEU D 107 -15.54 11.39 32.43
C LEU D 107 -15.25 10.54 31.21
N PRO D 108 -16.27 9.87 30.67
CA PRO D 108 -16.07 9.12 29.42
C PRO D 108 -15.63 10.03 28.32
N PRO D 109 -14.78 9.55 27.40
CA PRO D 109 -14.21 10.43 26.37
C PRO D 109 -15.24 11.04 25.43
N ARG D 110 -16.46 10.51 25.38
CA ARG D 110 -17.47 11.07 24.50
C ARG D 110 -17.95 12.45 24.96
N PHE D 111 -17.66 12.83 26.20
CA PHE D 111 -18.11 14.11 26.74
C PHE D 111 -17.15 15.22 26.33
N LYS D 112 -17.69 16.27 25.70
CA LYS D 112 -16.94 17.48 25.39
C LYS D 112 -17.10 18.46 26.53
N VAL D 113 -16.00 18.78 27.20
CA VAL D 113 -16.03 19.63 28.40
C VAL D 113 -15.61 21.04 28.04
N THR D 114 -16.39 22.03 28.48
CA THR D 114 -16.06 23.44 28.34
C THR D 114 -15.95 24.05 29.73
N VAL D 115 -14.77 24.59 30.05
CA VAL D 115 -14.51 25.21 31.33
C VAL D 115 -14.20 26.69 31.08
N GLU D 116 -15.08 27.55 31.57
CA GLU D 116 -14.96 28.99 31.36
C GLU D 116 -15.16 29.73 32.67
N ILE D 117 -14.57 30.92 32.75
CA ILE D 117 -14.77 31.79 33.91
C ILE D 117 -16.19 32.33 33.90
N THR D 118 -16.80 32.39 35.08
CA THR D 118 -18.13 32.98 35.20
C THR D 118 -18.11 34.41 34.66
N PRO D 119 -19.01 34.76 33.74
CA PRO D 119 -18.93 36.06 33.06
C PRO D 119 -18.92 37.22 34.05
N GLY D 120 -17.98 38.15 33.84
CA GLY D 120 -17.88 39.34 34.65
C GLY D 120 -17.18 39.18 35.98
N THR D 121 -16.66 37.99 36.28
CA THR D 121 -16.00 37.74 37.56
C THR D 121 -14.49 37.77 37.47
N HIS D 122 -13.92 38.09 36.31
CA HIS D 122 -12.47 38.15 36.16
C HIS D 122 -12.12 39.10 35.02
N ALA D 123 -11.04 39.85 35.20
CA ALA D 123 -10.67 40.87 34.22
C ALA D 123 -10.17 40.26 32.92
N SER D 124 -9.58 39.07 32.97
CA SER D 124 -8.99 38.44 31.80
C SER D 124 -9.75 37.19 31.39
N GLU D 125 -11.08 37.21 31.55
CA GLU D 125 -11.86 35.99 31.37
C GLU D 125 -11.81 35.50 29.92
N LEU D 126 -11.78 36.41 28.96
CA LEU D 126 -11.71 36.00 27.57
C LEU D 126 -10.39 35.27 27.28
N ALA D 127 -9.28 35.83 27.75
CA ALA D 127 -7.98 35.21 27.51
C ALA D 127 -7.86 33.87 28.22
N VAL D 128 -8.38 33.78 29.44
CA VAL D 128 -8.30 32.53 30.19
C VAL D 128 -9.16 31.46 29.52
N ASN D 129 -10.39 31.83 29.13
CA ASN D 129 -11.28 30.86 28.50
C ASN D 129 -10.66 30.30 27.22
N LYS D 130 -9.97 31.15 26.46
CA LYS D 130 -9.39 30.70 25.20
C LYS D 130 -8.26 29.71 25.43
N GLN D 131 -7.47 29.90 26.49
CA GLN D 131 -6.41 28.95 26.82
C GLN D 131 -7.00 27.60 27.20
N LEU D 132 -7.98 27.58 28.09
CA LEU D 132 -8.56 26.33 28.55
C LEU D 132 -9.29 25.57 27.44
N ALA D 133 -9.77 26.27 26.41
CA ALA D 133 -10.44 25.62 25.30
C ALA D 133 -9.47 25.10 24.25
N ASP D 134 -8.20 25.47 24.32
CA ASP D 134 -7.20 25.02 23.36
C ASP D 134 -6.64 23.69 23.85
N LYS D 135 -7.12 22.59 23.26
CA LYS D 135 -6.71 21.26 23.72
C LYS D 135 -5.23 21.00 23.48
N GLU D 136 -4.64 21.66 22.48
CA GLU D 136 -3.21 21.51 22.24
C GLU D 136 -2.39 22.12 23.37
N ARG D 137 -2.72 23.35 23.76
CA ARG D 137 -1.97 24.01 24.81
C ARG D 137 -2.22 23.39 26.17
N VAL D 138 -3.44 22.88 26.40
CA VAL D 138 -3.71 22.12 27.62
C VAL D 138 -2.83 20.87 27.66
N ALA D 139 -2.77 20.14 26.54
CA ALA D 139 -1.96 18.94 26.49
C ALA D 139 -0.49 19.25 26.75
N ALA D 140 0.03 20.30 26.12
CA ALA D 140 1.42 20.69 26.33
C ALA D 140 1.66 21.10 27.77
N ALA D 141 0.68 21.74 28.40
CA ALA D 141 0.84 22.17 29.79
C ALA D 141 0.97 20.97 30.72
N LEU D 142 0.24 19.89 30.44
CA LEU D 142 0.31 18.69 31.27
C LEU D 142 1.65 17.97 31.16
N GLU D 143 2.45 18.27 30.14
CA GLU D 143 3.79 17.71 30.04
C GLU D 143 4.80 18.51 30.85
N ASN D 144 4.37 19.56 31.54
CA ASN D 144 5.20 20.27 32.50
C ASN D 144 5.14 19.52 33.83
N ASN D 145 6.27 18.94 34.25
CA ASN D 145 6.27 18.11 35.45
C ASN D 145 5.88 18.91 36.69
N HIS D 146 6.42 20.13 36.83
CA HIS D 146 6.08 20.95 37.97
C HIS D 146 4.60 21.34 37.94
N LEU D 147 4.08 21.66 36.76
CA LEU D 147 2.68 22.05 36.65
C LEU D 147 1.75 20.86 36.89
N ALA D 148 2.10 19.69 36.34
CA ALA D 148 1.30 18.49 36.58
C ALA D 148 1.32 18.08 38.04
N GLU D 149 2.45 18.31 38.72
CA GLU D 149 2.53 17.95 40.14
C GLU D 149 1.56 18.78 40.97
N VAL D 150 1.53 20.10 40.73
CA VAL D 150 0.59 20.95 41.47
C VAL D 150 -0.85 20.55 41.18
N ILE D 151 -1.15 20.25 39.92
CA ILE D 151 -2.50 19.82 39.56
C ILE D 151 -2.87 18.54 40.31
N ASN D 152 -1.95 17.57 40.34
CA ASN D 152 -2.24 16.34 41.07
C ASN D 152 -2.48 16.60 42.55
N GLN D 153 -1.75 17.55 43.13
CA GLN D 153 -2.01 17.92 44.52
C GLN D 153 -3.42 18.48 44.70
N CYS D 154 -3.89 19.26 43.72
CA CYS D 154 -5.25 19.80 43.82
C CYS D 154 -6.29 18.72 43.57
N ILE D 155 -6.02 17.81 42.63
CA ILE D 155 -6.97 16.77 42.28
C ILE D 155 -7.01 15.65 43.32
N ALA D 156 -5.95 15.48 44.09
CA ALA D 156 -5.90 14.41 45.09
C ALA D 156 -7.10 14.47 46.02
N ALA D 157 -7.63 13.30 46.37
CA ALA D 157 -8.81 13.18 47.21
C ALA D 157 -8.40 12.76 48.61
N LYS D 158 -8.69 13.62 49.59
CA LYS D 158 -8.41 13.34 50.99
C LYS D 158 -9.37 14.07 51.92
N GLY E 5 26.95 -29.23 -35.35
CA GLY E 5 27.06 -28.13 -34.42
C GLY E 5 26.66 -28.49 -33.01
N ARG E 6 27.11 -27.70 -32.04
CA ARG E 6 26.83 -27.95 -30.64
C ARG E 6 26.49 -26.64 -29.93
N LEU E 7 25.59 -26.74 -28.96
CA LEU E 7 25.18 -25.61 -28.12
C LEU E 7 25.60 -25.92 -26.69
N ILE E 8 26.43 -25.05 -26.12
CA ILE E 8 27.07 -25.28 -24.84
C ILE E 8 26.57 -24.24 -23.84
N LEU E 9 26.16 -24.70 -22.66
CA LEU E 9 25.71 -23.82 -21.60
C LEU E 9 26.91 -23.31 -20.80
N GLU E 10 27.05 -21.99 -20.72
CA GLU E 10 28.17 -21.38 -20.01
C GLU E 10 27.78 -20.90 -18.61
N HIS E 11 26.66 -20.20 -18.48
CA HIS E 11 26.25 -19.64 -17.21
C HIS E 11 24.75 -19.71 -17.06
N THR E 12 24.30 -19.71 -15.81
CA THR E 12 22.89 -19.68 -15.46
C THR E 12 22.71 -18.67 -14.33
N LEU E 13 21.83 -17.69 -14.55
CA LEU E 13 21.64 -16.60 -13.61
C LEU E 13 20.19 -16.55 -13.17
N GLN E 14 19.98 -16.31 -11.88
CA GLN E 14 18.68 -16.36 -11.23
C GLN E 14 18.44 -15.10 -10.40
N GLY E 15 18.69 -13.94 -11.00
CA GLY E 15 18.61 -12.70 -10.25
C GLY E 15 17.18 -12.30 -9.91
N HIS E 16 16.28 -12.43 -10.87
CA HIS E 16 14.91 -12.00 -10.69
C HIS E 16 14.12 -13.00 -9.85
N LYS E 17 12.98 -12.54 -9.35
CA LYS E 17 12.02 -13.38 -8.63
C LYS E 17 10.77 -13.48 -9.50
N GLY E 18 10.52 -14.67 -10.03
CA GLY E 18 9.42 -14.89 -10.94
C GLY E 18 9.90 -15.11 -12.36
N ARG E 19 8.96 -14.96 -13.29
CA ARG E 19 9.29 -15.14 -14.70
C ARG E 19 10.11 -13.95 -15.20
N ILE E 20 10.99 -14.23 -16.15
CA ILE E 20 11.88 -13.24 -16.74
C ILE E 20 11.52 -13.11 -18.21
N TRP E 21 11.20 -11.89 -18.64
CA TRP E 21 10.63 -11.68 -19.97
C TRP E 21 11.67 -11.38 -21.04
N GLY E 22 12.60 -10.48 -20.75
CA GLY E 22 13.51 -9.99 -21.78
C GLY E 22 14.93 -9.84 -21.28
N VAL E 23 15.86 -10.05 -22.21
CA VAL E 23 17.28 -9.79 -22.00
C VAL E 23 17.83 -9.11 -23.25
N ALA E 24 18.85 -8.27 -23.07
CA ALA E 24 19.44 -7.54 -24.19
C ALA E 24 20.90 -7.28 -23.92
N TRP E 25 21.73 -7.50 -24.94
CA TRP E 25 23.17 -7.28 -24.83
C TRP E 25 23.50 -5.80 -24.99
N HIS E 26 24.42 -5.31 -24.15
CA HIS E 26 24.99 -4.00 -24.35
C HIS E 26 25.84 -3.99 -25.62
N PRO E 27 25.90 -2.87 -26.33
CA PRO E 27 26.73 -2.82 -27.55
C PRO E 27 28.21 -3.12 -27.31
N LYS E 28 28.67 -3.07 -26.06
CA LYS E 28 30.02 -3.51 -25.73
C LYS E 28 30.13 -5.01 -25.48
N GLY E 29 29.00 -5.68 -25.32
CA GLY E 29 28.99 -7.13 -25.20
C GLY E 29 29.48 -7.69 -23.88
N ASN E 30 29.88 -6.84 -22.94
CA ASN E 30 30.34 -7.29 -21.62
C ASN E 30 29.29 -7.09 -20.54
N VAL E 31 28.13 -6.51 -20.89
CA VAL E 31 27.06 -6.21 -19.94
C VAL E 31 25.73 -6.53 -20.61
N PHE E 32 24.78 -7.00 -19.81
CA PHE E 32 23.42 -7.17 -20.29
C PHE E 32 22.44 -6.74 -19.19
N ALA E 33 21.20 -6.52 -19.59
CA ALA E 33 20.12 -6.16 -18.68
C ALA E 33 18.98 -7.16 -18.83
N SER E 34 18.15 -7.25 -17.79
CA SER E 34 17.03 -8.19 -17.77
C SER E 34 15.85 -7.59 -17.02
N CYS E 35 14.66 -7.89 -17.50
CA CYS E 35 13.41 -7.45 -16.90
C CYS E 35 12.50 -8.65 -16.70
N GLY E 36 11.52 -8.49 -15.81
CA GLY E 36 10.66 -9.61 -15.52
C GLY E 36 9.41 -9.22 -14.76
N GLU E 37 8.79 -10.25 -14.16
CA GLU E 37 7.53 -10.07 -13.44
C GLU E 37 7.73 -9.28 -12.16
N ASP E 38 8.93 -9.31 -11.58
CA ASP E 38 9.20 -8.64 -10.31
C ASP E 38 9.21 -7.12 -10.42
N LYS E 39 8.91 -6.56 -11.59
CA LYS E 39 8.84 -5.11 -11.80
C LYS E 39 10.18 -4.43 -11.57
N ALA E 40 11.28 -5.13 -11.82
CA ALA E 40 12.61 -4.60 -11.57
C ALA E 40 13.53 -4.92 -12.74
N ILE E 41 14.49 -4.02 -12.98
CA ILE E 41 15.51 -4.19 -14.00
C ILE E 41 16.84 -4.45 -13.29
N ARG E 42 17.56 -5.47 -13.75
CA ARG E 42 18.85 -5.82 -13.18
C ARG E 42 19.93 -5.65 -14.24
N ILE E 43 20.97 -4.89 -13.91
CA ILE E 43 22.11 -4.67 -14.78
C ILE E 43 23.22 -5.62 -14.35
N TRP E 44 23.72 -6.40 -15.30
CA TRP E 44 24.67 -7.48 -15.02
C TRP E 44 26.01 -7.15 -15.67
N SER E 45 27.07 -7.10 -14.87
CA SER E 45 28.42 -6.88 -15.34
C SER E 45 29.23 -8.16 -15.18
N LEU E 46 30.23 -8.32 -16.05
CA LEU E 46 31.06 -9.52 -16.08
C LEU E 46 32.41 -9.23 -15.45
N THR E 47 32.73 -9.92 -14.36
CA THR E 47 34.02 -9.82 -13.69
C THR E 47 34.65 -11.20 -13.67
N GLY E 48 35.76 -11.35 -14.40
CA GLY E 48 36.40 -12.66 -14.47
C GLY E 48 35.56 -13.63 -15.27
N ASN E 49 35.28 -14.79 -14.68
CA ASN E 49 34.48 -15.83 -15.33
C ASN E 49 33.04 -15.85 -14.84
N THR E 50 32.66 -14.97 -13.92
CA THR E 50 31.34 -14.98 -13.31
C THR E 50 30.57 -13.72 -13.66
N TRP E 51 29.29 -13.89 -13.96
CA TRP E 51 28.38 -12.78 -14.18
C TRP E 51 27.66 -12.45 -12.89
N SER E 52 27.47 -11.15 -12.63
CA SER E 52 26.88 -10.70 -11.39
C SER E 52 26.09 -9.43 -11.63
N THR E 53 25.11 -9.19 -10.75
CA THR E 53 24.30 -7.98 -10.81
C THR E 53 25.03 -6.84 -10.11
N LYS E 54 25.28 -5.74 -10.84
CA LYS E 54 25.95 -4.60 -10.23
C LYS E 54 24.97 -3.56 -9.70
N THR E 55 23.81 -3.41 -10.33
CA THR E 55 22.80 -2.45 -9.89
C THR E 55 21.41 -3.04 -10.09
N ILE E 56 20.49 -2.65 -9.20
CA ILE E 56 19.10 -3.09 -9.25
C ILE E 56 18.22 -1.85 -9.35
N LEU E 57 17.37 -1.82 -10.38
CA LEU E 57 16.45 -0.71 -10.61
C LEU E 57 15.05 -1.14 -10.22
N SER E 58 14.48 -0.46 -9.24
CA SER E 58 13.14 -0.76 -8.74
C SER E 58 12.33 0.53 -8.72
N ASP E 59 11.03 0.36 -8.46
CA ASP E 59 9.99 1.40 -8.43
C ASP E 59 9.85 2.18 -9.73
N GLY E 60 10.57 1.83 -10.79
CA GLY E 60 10.37 2.53 -12.05
C GLY E 60 9.05 2.20 -12.71
N HIS E 61 8.54 0.99 -12.51
CA HIS E 61 7.27 0.58 -13.07
C HIS E 61 6.42 -0.07 -11.99
N LYS E 62 5.12 0.20 -12.05
CA LYS E 62 4.18 -0.42 -11.12
C LYS E 62 3.78 -1.83 -11.56
N ARG E 63 3.86 -2.12 -12.86
CA ARG E 63 3.48 -3.42 -13.41
C ARG E 63 4.69 -4.09 -14.05
N THR E 64 4.43 -5.25 -14.65
CA THR E 64 5.49 -6.07 -15.22
C THR E 64 6.20 -5.35 -16.36
N ILE E 65 7.53 -5.48 -16.40
CA ILE E 65 8.35 -4.93 -17.46
C ILE E 65 8.56 -6.01 -18.51
N ARG E 66 8.08 -5.77 -19.72
CA ARG E 66 8.08 -6.80 -20.76
C ARG E 66 9.40 -6.83 -21.53
N GLU E 67 9.97 -5.68 -21.84
CA GLU E 67 11.17 -5.64 -22.66
C GLU E 67 12.03 -4.44 -22.27
N ILE E 68 13.34 -4.60 -22.45
CA ILE E 68 14.31 -3.55 -22.25
C ILE E 68 15.23 -3.53 -23.47
N ARG E 69 15.66 -2.33 -23.87
CA ARG E 69 16.47 -2.21 -25.08
C ARG E 69 17.54 -1.14 -24.91
N TRP E 70 18.76 -1.48 -25.31
CA TRP E 70 19.90 -0.57 -25.19
C TRP E 70 19.92 0.43 -26.33
N SER E 71 20.44 1.62 -26.03
CA SER E 71 20.68 2.62 -27.06
C SER E 71 21.84 2.18 -27.94
N PRO E 72 21.87 2.60 -29.21
CA PRO E 72 23.04 2.30 -30.05
C PRO E 72 24.33 2.89 -29.49
N CYS E 73 24.25 4.07 -28.87
CA CYS E 73 25.40 4.61 -28.16
C CYS E 73 25.76 3.75 -26.96
N GLY E 74 24.76 3.14 -26.33
CA GLY E 74 24.98 2.31 -25.17
C GLY E 74 24.99 3.05 -23.85
N GLN E 75 24.69 4.35 -23.85
CA GLN E 75 24.73 5.10 -22.60
C GLN E 75 23.50 4.82 -21.74
N TYR E 76 22.30 4.93 -22.32
CA TYR E 76 21.06 4.89 -21.56
C TYR E 76 20.14 3.79 -22.06
N LEU E 77 19.22 3.36 -21.20
CA LEU E 77 18.40 2.19 -21.41
C LEU E 77 16.93 2.55 -21.26
N ALA E 78 16.08 1.93 -22.08
CA ALA E 78 14.63 2.17 -22.07
C ALA E 78 13.88 0.86 -21.86
N SER E 79 12.78 0.93 -21.13
CA SER E 79 12.02 -0.24 -20.73
C SER E 79 10.54 -0.04 -21.03
N ALA E 80 9.93 -1.04 -21.67
CA ALA E 80 8.50 -1.06 -21.92
C ALA E 80 7.83 -1.98 -20.92
N SER E 81 6.80 -1.48 -20.24
CA SER E 81 6.14 -2.21 -19.18
C SER E 81 4.63 -2.22 -19.40
N PHE E 82 3.95 -3.00 -18.56
CA PHE E 82 2.50 -3.15 -18.65
C PHE E 82 1.74 -1.97 -18.03
N ASP E 83 2.43 -1.06 -17.35
CA ASP E 83 1.78 0.11 -16.77
C ASP E 83 1.54 1.22 -17.79
N ALA E 84 1.47 0.87 -19.08
CA ALA E 84 1.20 1.81 -20.17
C ALA E 84 2.25 2.90 -20.27
N THR E 85 3.45 2.68 -19.73
CA THR E 85 4.52 3.66 -19.76
C THR E 85 5.79 3.03 -20.30
N THR E 86 6.70 3.89 -20.75
CA THR E 86 8.03 3.50 -21.22
C THR E 86 9.04 4.41 -20.52
N ALA E 87 9.74 3.86 -19.53
CA ALA E 87 10.65 4.63 -18.71
C ALA E 87 12.03 4.76 -19.36
N ILE E 88 12.67 5.89 -19.10
CA ILE E 88 14.02 6.16 -19.59
C ILE E 88 14.94 6.30 -18.39
N TRP E 89 15.97 5.46 -18.35
CA TRP E 89 16.94 5.44 -17.26
C TRP E 89 18.26 6.01 -17.74
N SER E 90 18.94 6.74 -16.87
CA SER E 90 20.16 7.44 -17.25
C SER E 90 21.14 7.47 -16.09
N LYS E 91 22.41 7.21 -16.41
CA LYS E 91 23.50 7.25 -15.45
C LYS E 91 24.30 8.55 -15.67
N SER E 92 23.67 9.66 -15.30
CA SER E 92 24.31 10.96 -15.37
C SER E 92 25.15 11.28 -14.13
N SER E 93 24.79 10.72 -12.98
CA SER E 93 25.48 10.97 -11.73
C SER E 93 26.42 9.84 -11.35
N GLY E 94 26.71 8.92 -12.26
CA GLY E 94 27.40 7.70 -11.91
C GLY E 94 26.50 6.61 -11.38
N GLU E 95 25.19 6.85 -11.31
CA GLU E 95 24.21 5.85 -10.91
C GLU E 95 22.95 6.06 -11.73
N PHE E 96 22.23 4.96 -12.01
CA PHE E 96 21.08 5.01 -12.91
C PHE E 96 19.85 5.53 -12.18
N GLU E 97 19.21 6.54 -12.77
CA GLU E 97 17.95 7.07 -12.26
C GLU E 97 17.01 7.29 -13.43
N CYS E 98 15.72 7.32 -13.14
CA CYS E 98 14.68 7.48 -14.16
C CYS E 98 14.41 8.97 -14.33
N ASN E 99 14.90 9.54 -15.43
CA ASN E 99 14.72 10.97 -15.67
C ASN E 99 13.38 11.26 -16.34
N ALA E 100 13.01 10.49 -17.35
CA ALA E 100 11.83 10.76 -18.16
C ALA E 100 10.93 9.54 -18.20
N THR E 101 9.65 9.79 -18.47
CA THR E 101 8.63 8.76 -18.59
C THR E 101 7.77 9.08 -19.81
N LEU E 102 7.59 8.08 -20.68
CA LEU E 102 6.83 8.24 -21.91
C LEU E 102 5.44 7.62 -21.71
N GLU E 103 4.43 8.47 -21.62
CA GLU E 103 3.04 8.05 -21.49
C GLU E 103 2.28 8.35 -22.77
N GLY E 104 1.11 7.73 -22.90
CA GLY E 104 0.27 7.94 -24.06
C GLY E 104 -0.47 6.68 -24.48
N HIS E 105 0.16 5.52 -24.30
CA HIS E 105 -0.47 4.27 -24.66
C HIS E 105 -1.68 4.01 -23.77
N GLU E 106 -2.73 3.44 -24.36
CA GLU E 106 -3.95 3.19 -23.62
C GLU E 106 -3.84 1.93 -22.76
N ASN E 107 -3.14 0.91 -23.26
CA ASN E 107 -3.01 -0.35 -22.55
C ASN E 107 -1.55 -0.69 -22.28
N GLU E 108 -1.26 -1.96 -22.04
CA GLU E 108 0.09 -2.38 -21.70
C GLU E 108 1.03 -2.18 -22.89
N VAL E 109 2.20 -1.62 -22.62
CA VAL E 109 3.22 -1.46 -23.65
C VAL E 109 3.98 -2.78 -23.80
N LYS E 110 4.04 -3.29 -25.02
CA LYS E 110 4.63 -4.60 -25.28
C LYS E 110 6.09 -4.55 -25.72
N SER E 111 6.53 -3.49 -26.40
CA SER E 111 7.87 -3.51 -26.97
C SER E 111 8.45 -2.11 -27.13
N VAL E 112 9.79 -2.03 -27.09
CA VAL E 112 10.54 -0.82 -27.43
C VAL E 112 11.57 -1.19 -28.50
N SER E 113 12.12 -0.16 -29.14
CA SER E 113 13.22 -0.34 -30.09
C SER E 113 13.86 1.01 -30.37
N TRP E 114 15.18 0.98 -30.57
CA TRP E 114 15.96 2.15 -30.95
C TRP E 114 16.36 2.06 -32.41
N SER E 115 16.36 3.20 -33.10
CA SER E 115 16.79 3.25 -34.48
C SER E 115 18.31 3.19 -34.57
N ARG E 116 18.82 3.00 -35.78
CA ARG E 116 20.27 3.00 -35.96
C ARG E 116 20.87 4.33 -35.56
N SER E 117 20.23 5.44 -35.95
CA SER E 117 20.76 6.75 -35.62
C SER E 117 20.76 7.00 -34.12
N GLY E 118 19.77 6.46 -33.41
CA GLY E 118 19.67 6.65 -31.98
C GLY E 118 18.80 7.80 -31.56
N GLY E 119 18.28 8.59 -32.49
CA GLY E 119 17.38 9.67 -32.18
C GLY E 119 15.90 9.35 -32.30
N LEU E 120 15.57 8.11 -32.66
CA LEU E 120 14.18 7.68 -32.84
C LEU E 120 13.88 6.49 -31.93
N LEU E 121 12.73 6.54 -31.27
CA LEU E 121 12.29 5.49 -30.36
C LEU E 121 10.89 5.06 -30.76
N ALA E 122 10.66 3.75 -30.81
CA ALA E 122 9.38 3.20 -31.24
C ALA E 122 8.83 2.25 -30.18
N THR E 123 7.54 2.39 -29.89
CA THR E 123 6.83 1.54 -28.95
C THR E 123 5.55 1.03 -29.58
N CYS E 124 5.08 -0.10 -29.06
CA CYS E 124 3.79 -0.65 -29.45
C CYS E 124 3.13 -1.24 -28.21
N SER E 125 1.80 -1.31 -28.25
CA SER E 125 1.02 -1.67 -27.07
C SER E 125 -0.13 -2.58 -27.46
N ARG E 126 -0.91 -2.99 -26.46
CA ARG E 126 -2.12 -3.77 -26.66
C ARG E 126 -3.26 -2.93 -27.24
N ASP E 127 -3.11 -1.61 -27.28
CA ASP E 127 -4.10 -0.73 -27.88
C ASP E 127 -4.01 -0.70 -29.41
N LYS E 128 -3.39 -1.71 -30.02
CA LYS E 128 -3.30 -1.88 -31.47
C LYS E 128 -2.53 -0.75 -32.14
N SER E 129 -1.74 0.00 -31.39
CA SER E 129 -1.06 1.19 -31.92
C SER E 129 0.45 1.01 -31.89
N VAL E 130 1.13 1.77 -32.74
CA VAL E 130 2.58 1.79 -32.84
C VAL E 130 3.01 3.26 -32.80
N TRP E 131 3.73 3.64 -31.75
CA TRP E 131 4.15 5.02 -31.56
C TRP E 131 5.63 5.18 -31.93
N ILE E 132 5.97 6.37 -32.42
CA ILE E 132 7.34 6.75 -32.73
C ILE E 132 7.63 8.07 -32.01
N TRP E 133 8.74 8.10 -31.28
CA TRP E 133 9.15 9.28 -30.51
C TRP E 133 10.45 9.84 -31.07
N GLU E 134 10.64 11.14 -30.87
CA GLU E 134 11.85 11.83 -31.28
C GLU E 134 12.64 12.26 -30.04
N VAL E 135 13.95 12.09 -30.11
CA VAL E 135 14.85 12.40 -29.01
C VAL E 135 15.76 13.53 -29.46
N ALA E 136 15.43 14.77 -29.08
CA ALA E 136 16.31 15.90 -29.31
C ALA E 136 17.30 16.10 -28.18
N GLY E 137 17.02 15.55 -27.01
CA GLY E 137 17.95 15.58 -25.89
C GLY E 137 17.47 14.61 -24.84
N ASP E 138 18.21 14.57 -23.73
CA ASP E 138 17.78 13.71 -22.64
C ASP E 138 16.65 14.34 -21.84
N ASP E 139 16.54 15.66 -21.86
CA ASP E 139 15.48 16.39 -21.18
C ASP E 139 14.27 16.61 -22.08
N GLU E 140 14.34 16.21 -23.35
CA GLU E 140 13.28 16.47 -24.30
C GLU E 140 12.90 15.20 -25.04
N PHE E 141 11.59 14.94 -25.11
CA PHE E 141 11.03 13.86 -25.91
C PHE E 141 9.77 14.38 -26.60
N GLU E 142 9.62 14.06 -27.87
CA GLU E 142 8.51 14.57 -28.66
C GLU E 142 7.93 13.43 -29.49
N CYS E 143 6.61 13.27 -29.41
CA CYS E 143 5.93 12.23 -30.17
C CYS E 143 5.91 12.60 -31.65
N ALA E 144 6.42 11.71 -32.50
CA ALA E 144 6.52 11.98 -33.93
C ALA E 144 5.31 11.48 -34.71
N ALA E 145 4.74 10.33 -34.33
CA ALA E 145 3.61 9.78 -35.05
C ALA E 145 2.89 8.78 -34.18
N VAL E 146 1.56 8.73 -34.34
CA VAL E 146 0.71 7.72 -33.71
C VAL E 146 0.02 6.96 -34.82
N LEU E 147 0.29 5.66 -34.91
CA LEU E 147 -0.20 4.82 -36.00
C LEU E 147 -1.13 3.75 -35.45
N ASN E 148 -2.27 3.56 -36.13
CA ASN E 148 -3.21 2.51 -35.75
C ASN E 148 -3.53 1.58 -36.93
N PRO E 149 -2.52 1.03 -37.64
CA PRO E 149 -2.85 0.17 -38.78
C PRO E 149 -3.22 -1.24 -38.35
N HIS E 150 -2.64 -1.72 -37.26
CA HIS E 150 -2.87 -3.08 -36.81
C HIS E 150 -4.25 -3.21 -36.17
N THR E 151 -4.94 -4.32 -36.50
CA THR E 151 -6.26 -4.56 -35.96
C THR E 151 -6.24 -5.24 -34.61
N GLN E 152 -5.10 -5.80 -34.20
CA GLN E 152 -5.02 -6.51 -32.92
C GLN E 152 -3.83 -6.07 -32.09
N ASP E 153 -3.53 -6.83 -31.05
CA ASP E 153 -2.42 -6.53 -30.16
C ASP E 153 -1.10 -6.57 -30.93
N VAL E 154 -0.31 -5.51 -30.80
CA VAL E 154 0.99 -5.43 -31.47
C VAL E 154 2.05 -5.98 -30.51
N LYS E 155 2.79 -7.00 -30.96
CA LYS E 155 3.67 -7.74 -30.06
C LYS E 155 5.07 -7.15 -29.98
N ARG E 156 5.63 -6.70 -31.10
CA ARG E 156 7.02 -6.30 -31.13
C ARG E 156 7.23 -5.20 -32.16
N VAL E 157 8.23 -4.35 -31.90
CA VAL E 157 8.69 -3.34 -32.85
C VAL E 157 10.20 -3.45 -32.96
N VAL E 158 10.71 -3.45 -34.19
CA VAL E 158 12.14 -3.61 -34.47
C VAL E 158 12.52 -2.64 -35.58
N TRP E 159 13.64 -1.95 -35.40
CA TRP E 159 14.12 -0.99 -36.39
C TRP E 159 15.07 -1.66 -37.40
N HIS E 160 15.17 -1.05 -38.57
CA HIS E 160 16.05 -1.56 -39.61
C HIS E 160 17.50 -1.29 -39.24
N PRO E 161 18.42 -2.21 -39.55
CA PRO E 161 19.82 -2.01 -39.12
C PRO E 161 20.53 -0.88 -39.83
N THR E 162 20.40 -0.79 -41.16
CA THR E 162 21.11 0.23 -41.91
C THR E 162 20.29 1.49 -42.16
N LYS E 163 18.98 1.36 -42.32
CA LYS E 163 18.11 2.47 -42.63
C LYS E 163 17.13 2.72 -41.50
N ASP E 164 16.34 3.77 -41.63
CA ASP E 164 15.33 4.12 -40.62
C ASP E 164 13.97 3.58 -41.06
N ILE E 165 13.87 2.25 -41.04
CA ILE E 165 12.63 1.54 -41.33
C ILE E 165 12.19 0.81 -40.07
N LEU E 166 10.89 0.88 -39.78
CA LEU E 166 10.32 0.25 -38.59
C LEU E 166 9.50 -0.96 -39.00
N ALA E 167 9.67 -2.05 -38.25
CA ALA E 167 8.91 -3.29 -38.43
C ALA E 167 8.14 -3.61 -37.17
N SER E 168 6.90 -4.07 -37.33
CA SER E 168 6.02 -4.38 -36.22
C SER E 168 5.36 -5.73 -36.44
N ALA E 169 5.33 -6.54 -35.38
CA ALA E 169 4.65 -7.82 -35.38
C ALA E 169 3.42 -7.73 -34.49
N SER E 170 2.33 -8.39 -34.90
CA SER E 170 1.06 -8.21 -34.21
C SER E 170 0.34 -9.54 -34.00
N TYR E 171 -0.61 -9.48 -33.07
CA TYR E 171 -1.55 -10.58 -32.80
C TYR E 171 -2.47 -10.87 -33.98
N ASP E 172 -2.54 -9.96 -34.95
CA ASP E 172 -3.37 -10.14 -36.14
C ASP E 172 -2.68 -10.94 -37.24
N ASN E 173 -1.64 -11.70 -36.89
CA ASN E 173 -0.95 -12.61 -37.80
C ASN E 173 -0.23 -11.90 -38.94
N THR E 174 0.01 -10.59 -38.82
CA THR E 174 0.64 -9.84 -39.90
C THR E 174 1.84 -9.06 -39.36
N ILE E 175 2.71 -8.68 -40.29
CA ILE E 175 3.85 -7.82 -40.05
C ILE E 175 3.69 -6.58 -40.92
N LYS E 176 4.09 -5.43 -40.39
CA LYS E 176 3.93 -4.16 -41.09
C LYS E 176 5.23 -3.38 -41.09
N MET E 177 5.59 -2.85 -42.24
CA MET E 177 6.75 -1.98 -42.40
C MET E 177 6.30 -0.53 -42.44
N PHE E 178 7.14 0.35 -41.91
CA PHE E 178 6.84 1.78 -41.82
C PHE E 178 8.03 2.59 -42.30
N ALA E 179 7.78 3.50 -43.25
CA ALA E 179 8.79 4.40 -43.76
C ALA E 179 8.17 5.77 -43.97
N GLU E 180 8.98 6.81 -43.80
CA GLU E 180 8.53 8.18 -43.92
C GLU E 180 8.84 8.72 -45.30
N GLU E 181 7.88 9.41 -45.91
CA GLU E 181 8.10 10.01 -47.22
C GLU E 181 8.81 11.36 -47.06
N PRO E 182 9.85 11.63 -47.85
CA PRO E 182 10.58 12.90 -47.67
C PRO E 182 9.73 14.12 -48.00
N ILE E 183 8.92 14.04 -49.05
CA ILE E 183 8.09 15.18 -49.44
C ILE E 183 6.97 15.39 -48.44
N ASP E 184 6.47 14.32 -47.84
CA ASP E 184 5.31 14.41 -46.96
C ASP E 184 5.66 14.72 -45.52
N ASN E 185 6.87 14.39 -45.07
CA ASN E 185 7.34 14.64 -43.71
C ASN E 185 6.51 13.89 -42.66
N ASP E 186 5.76 12.87 -43.06
CA ASP E 186 4.92 12.11 -42.15
C ASP E 186 5.19 10.61 -42.31
N TRP E 187 5.05 9.88 -41.20
CA TRP E 187 5.23 8.43 -41.20
C TRP E 187 4.03 7.73 -41.81
N ASP E 188 4.30 6.61 -42.48
CA ASP E 188 3.24 5.86 -43.15
C ASP E 188 3.67 4.40 -43.28
N CYS E 189 2.68 3.55 -43.53
CA CYS E 189 2.91 2.11 -43.63
C CYS E 189 3.35 1.75 -45.05
N THR E 190 4.44 0.99 -45.15
CA THR E 190 5.00 0.65 -46.46
C THR E 190 4.34 -0.58 -47.07
N ALA E 191 4.29 -1.68 -46.32
CA ALA E 191 3.72 -2.92 -46.83
C ALA E 191 3.25 -3.78 -45.66
N THR E 192 2.44 -4.79 -45.99
CA THR E 192 1.88 -5.72 -45.01
C THR E 192 2.23 -7.13 -45.41
N LEU E 193 2.79 -7.89 -44.48
CA LEU E 193 3.27 -9.25 -44.72
C LEU E 193 2.30 -10.24 -44.12
N THR E 194 1.64 -11.03 -44.97
CA THR E 194 0.56 -11.93 -44.56
C THR E 194 0.85 -13.35 -45.05
N SER E 195 1.58 -14.11 -44.23
CA SER E 195 1.74 -15.55 -44.45
C SER E 195 1.55 -16.38 -43.19
N HIS E 196 1.64 -15.77 -42.01
CA HIS E 196 1.46 -16.53 -40.78
C HIS E 196 -0.03 -16.72 -40.48
N THR E 197 -0.35 -17.88 -39.93
CA THR E 197 -1.72 -18.23 -39.58
C THR E 197 -2.07 -17.92 -38.13
N SER E 198 -1.14 -17.34 -37.36
CA SER E 198 -1.41 -17.04 -35.96
C SER E 198 -0.52 -15.88 -35.54
N THR E 199 -0.53 -15.58 -34.23
CA THR E 199 0.15 -14.41 -33.69
C THR E 199 1.63 -14.41 -34.04
N VAL E 200 2.10 -13.30 -34.61
CA VAL E 200 3.52 -13.11 -34.89
C VAL E 200 4.17 -12.50 -33.65
N TRP E 201 5.09 -13.25 -33.03
CA TRP E 201 5.69 -12.84 -31.77
C TRP E 201 6.95 -12.02 -31.95
N GLY E 202 7.89 -12.49 -32.76
CA GLY E 202 9.20 -11.87 -32.85
C GLY E 202 9.64 -11.67 -34.28
N ILE E 203 10.52 -10.68 -34.45
CA ILE E 203 11.07 -10.31 -35.76
C ILE E 203 12.50 -9.80 -35.54
N ASP E 204 13.36 -10.07 -36.52
CA ASP E 204 14.73 -9.60 -36.45
C ASP E 204 15.29 -9.53 -37.87
N PHE E 205 16.05 -8.48 -38.15
CA PHE E 205 16.66 -8.29 -39.45
C PHE E 205 17.99 -9.00 -39.55
N ASP E 206 18.40 -9.27 -40.79
CA ASP E 206 19.73 -9.80 -41.03
C ASP E 206 20.76 -8.67 -40.99
N ALA E 207 22.01 -9.00 -41.30
CA ALA E 207 23.10 -8.03 -41.15
C ALA E 207 22.89 -6.83 -42.07
N ASP E 208 22.69 -7.08 -43.36
CA ASP E 208 22.53 -5.98 -44.31
C ASP E 208 21.18 -5.29 -44.16
N GLY E 209 20.15 -6.04 -43.78
CA GLY E 209 18.82 -5.48 -43.63
C GLY E 209 17.87 -5.74 -44.78
N GLU E 210 18.28 -6.51 -45.78
CA GLU E 210 17.42 -6.84 -46.91
C GLU E 210 16.59 -8.10 -46.67
N ARG E 211 16.74 -8.75 -45.51
CA ARG E 211 16.00 -9.96 -45.17
C ARG E 211 15.44 -9.82 -43.76
N LEU E 212 14.59 -10.78 -43.37
CA LEU E 212 13.88 -10.69 -42.10
C LEU E 212 13.41 -12.07 -41.66
N VAL E 213 13.66 -12.41 -40.37
CA VAL E 213 13.04 -13.58 -39.75
C VAL E 213 11.77 -13.13 -39.04
N SER E 214 10.82 -14.04 -38.92
CA SER E 214 9.64 -13.83 -38.09
C SER E 214 9.24 -15.17 -37.52
N CYS E 215 9.03 -15.21 -36.21
CA CYS E 215 8.51 -16.38 -35.53
C CYS E 215 7.09 -16.08 -35.06
N SER E 216 6.27 -17.12 -35.00
CA SER E 216 4.85 -16.94 -34.75
C SER E 216 4.31 -18.04 -33.85
N ASP E 217 3.06 -17.85 -33.45
CA ASP E 217 2.32 -18.84 -32.67
C ASP E 217 2.00 -20.10 -33.47
N ASP E 218 2.07 -20.04 -34.79
CA ASP E 218 1.83 -21.19 -35.65
C ASP E 218 3.01 -22.16 -35.69
N THR E 219 3.93 -22.08 -34.73
CA THR E 219 5.06 -23.01 -34.60
C THR E 219 5.97 -23.00 -35.81
N THR E 220 5.98 -21.90 -36.58
CA THR E 220 6.83 -21.79 -37.75
C THR E 220 7.59 -20.47 -37.73
N ILE E 221 8.74 -20.47 -38.40
CA ILE E 221 9.51 -19.26 -38.67
C ILE E 221 9.57 -19.07 -40.18
N LYS E 222 9.60 -17.81 -40.59
CA LYS E 222 9.57 -17.46 -42.00
C LYS E 222 10.69 -16.47 -42.32
N ILE E 223 11.23 -16.60 -43.52
CA ILE E 223 12.28 -15.71 -44.04
C ILE E 223 11.65 -14.80 -45.08
N TRP E 224 11.76 -13.49 -44.88
CA TRP E 224 11.20 -12.50 -45.77
C TRP E 224 12.32 -11.76 -46.48
N ARG E 225 12.17 -11.58 -47.79
CA ARG E 225 13.16 -10.88 -48.60
C ARG E 225 12.55 -9.61 -49.17
N ALA E 226 13.33 -8.52 -49.14
CA ALA E 226 12.87 -7.23 -49.61
C ALA E 226 13.11 -7.12 -51.12
N TYR E 227 12.05 -6.86 -51.87
CA TYR E 227 12.11 -6.73 -53.32
C TYR E 227 11.85 -5.27 -53.68
N HIS E 228 12.87 -4.61 -54.23
CA HIS E 228 12.75 -3.26 -54.76
C HIS E 228 12.28 -3.32 -56.21
N PRO E 229 11.82 -2.20 -56.76
CA PRO E 229 11.37 -2.22 -58.16
C PRO E 229 12.48 -2.58 -59.12
N GLY E 230 12.09 -3.25 -60.21
CA GLY E 230 13.06 -3.69 -61.20
C GLY E 230 13.80 -4.96 -60.85
N ASN E 231 13.23 -5.79 -59.97
CA ASN E 231 13.91 -7.01 -59.58
C ASN E 231 14.03 -7.97 -60.77
N THR E 232 15.07 -8.79 -60.74
CA THR E 232 15.27 -9.78 -61.79
C THR E 232 14.15 -10.80 -61.82
N ALA E 233 13.63 -11.16 -60.64
CA ALA E 233 12.60 -12.20 -60.56
C ALA E 233 11.35 -11.81 -61.34
N GLY E 234 11.03 -10.53 -61.37
CA GLY E 234 9.84 -10.04 -62.03
C GLY E 234 8.72 -9.57 -61.12
N VAL E 235 8.96 -9.44 -59.82
CA VAL E 235 7.94 -9.01 -58.88
C VAL E 235 7.75 -7.50 -59.01
N ALA E 236 6.50 -7.07 -59.17
CA ALA E 236 6.20 -5.66 -59.39
C ALA E 236 5.44 -5.09 -58.19
N THR E 237 5.78 -3.87 -57.81
CA THR E 237 5.10 -3.19 -56.72
C THR E 237 4.14 -2.17 -57.32
N PRO E 238 2.82 -2.33 -57.15
CA PRO E 238 1.90 -1.31 -57.66
C PRO E 238 2.15 0.06 -57.07
N ASP E 239 2.46 0.13 -55.78
CA ASP E 239 2.91 1.37 -55.16
C ASP E 239 4.42 1.52 -55.39
N GLN E 240 4.92 2.73 -55.13
CA GLN E 240 6.34 2.97 -55.28
C GLN E 240 7.15 2.21 -54.23
N GLN E 241 6.53 1.94 -53.08
CA GLN E 241 7.25 1.35 -51.95
C GLN E 241 7.64 -0.10 -52.25
N THR E 242 8.57 -0.60 -51.45
CA THR E 242 9.05 -1.96 -51.60
C THR E 242 8.06 -2.96 -51.04
N VAL E 243 8.16 -4.20 -51.51
CA VAL E 243 7.32 -5.30 -51.06
C VAL E 243 8.20 -6.43 -50.55
N TRP E 244 7.75 -7.09 -49.49
CA TRP E 244 8.43 -8.25 -48.93
C TRP E 244 7.64 -9.51 -49.28
N LYS E 245 8.36 -10.61 -49.50
CA LYS E 245 7.76 -11.86 -49.91
C LYS E 245 8.31 -13.00 -49.08
N CYS E 246 7.45 -13.95 -48.73
CA CYS E 246 7.84 -15.12 -47.95
C CYS E 246 8.57 -16.10 -48.87
N VAL E 247 9.90 -16.11 -48.77
CA VAL E 247 10.73 -16.98 -49.61
C VAL E 247 11.09 -18.28 -48.93
N CYS E 248 10.77 -18.45 -47.64
CA CYS E 248 11.12 -19.65 -46.92
C CYS E 248 10.20 -19.78 -45.70
N THR E 249 9.76 -21.01 -45.42
CA THR E 249 8.93 -21.29 -44.26
C THR E 249 9.41 -22.59 -43.63
N VAL E 250 9.92 -22.49 -42.40
CA VAL E 250 10.38 -23.66 -41.65
C VAL E 250 9.23 -24.13 -40.78
N SER E 251 8.79 -25.37 -40.98
CA SER E 251 7.67 -25.94 -40.24
C SER E 251 8.05 -27.31 -39.70
N GLY E 252 7.33 -27.72 -38.66
CA GLY E 252 7.60 -28.99 -38.02
C GLY E 252 8.80 -29.01 -37.10
N GLN E 253 9.55 -27.91 -37.00
CA GLN E 253 10.72 -27.84 -36.14
C GLN E 253 10.37 -27.54 -34.70
N HIS E 254 9.21 -26.92 -34.45
CA HIS E 254 8.83 -26.48 -33.12
C HIS E 254 7.52 -27.13 -32.71
N SER E 255 7.43 -27.53 -31.45
CA SER E 255 6.21 -28.16 -30.94
C SER E 255 5.16 -27.12 -30.57
N ARG E 256 5.57 -25.96 -30.07
CA ARG E 256 4.63 -24.95 -29.61
C ARG E 256 4.98 -23.57 -30.15
N ALA E 257 4.35 -22.54 -29.60
CA ALA E 257 4.55 -21.19 -30.10
C ALA E 257 5.99 -20.75 -29.93
N ILE E 258 6.48 -20.00 -30.91
CA ILE E 258 7.84 -19.45 -30.87
C ILE E 258 7.72 -18.00 -30.47
N TYR E 259 8.29 -17.65 -29.31
CA TYR E 259 8.07 -16.34 -28.72
C TYR E 259 9.10 -15.31 -29.14
N ASP E 260 10.27 -15.73 -29.62
CA ASP E 260 11.30 -14.79 -30.00
C ASP E 260 12.27 -15.44 -30.97
N VAL E 261 12.87 -14.62 -31.82
CA VAL E 261 13.86 -15.06 -32.79
C VAL E 261 14.91 -13.95 -32.94
N SER E 262 16.17 -14.36 -33.05
CA SER E 262 17.28 -13.43 -33.17
C SER E 262 18.17 -13.85 -34.33
N TRP E 263 18.52 -12.90 -35.19
CA TRP E 263 19.38 -13.16 -36.34
C TRP E 263 20.70 -12.44 -36.10
N CYS E 264 21.77 -13.23 -35.95
CA CYS E 264 23.07 -12.65 -35.63
C CYS E 264 23.63 -11.88 -36.81
N LYS E 265 24.17 -10.69 -36.52
CA LYS E 265 24.79 -9.85 -37.54
C LYS E 265 26.26 -10.21 -37.77
N LEU E 266 26.83 -11.09 -36.96
CA LEU E 266 28.20 -11.54 -37.13
C LEU E 266 28.30 -12.88 -37.86
N THR E 267 27.45 -13.84 -37.50
CA THR E 267 27.51 -15.18 -38.07
C THR E 267 26.37 -15.48 -39.03
N GLY E 268 25.27 -14.75 -38.97
CA GLY E 268 24.09 -15.08 -39.74
C GLY E 268 23.28 -16.22 -39.18
N LEU E 269 23.59 -16.69 -37.97
CA LEU E 269 22.85 -17.77 -37.34
C LEU E 269 21.52 -17.25 -36.81
N ILE E 270 20.54 -18.15 -36.76
CA ILE E 270 19.20 -17.83 -36.29
C ILE E 270 18.88 -18.71 -35.09
N ALA E 271 18.45 -18.08 -34.00
CA ALA E 271 18.04 -18.77 -32.78
C ALA E 271 16.57 -18.50 -32.50
N THR E 272 15.88 -19.52 -32.00
CA THR E 272 14.46 -19.43 -31.71
C THR E 272 14.21 -19.77 -30.25
N ALA E 273 13.30 -19.02 -29.62
CA ALA E 273 12.86 -19.27 -28.25
C ALA E 273 11.44 -19.81 -28.32
N CYS E 274 11.27 -21.09 -28.04
CA CYS E 274 9.99 -21.76 -28.23
C CYS E 274 9.33 -22.04 -26.89
N GLY E 275 8.02 -22.29 -26.94
CA GLY E 275 7.25 -22.67 -25.78
C GLY E 275 7.45 -24.09 -25.32
N ASP E 276 8.11 -24.93 -26.12
CA ASP E 276 8.49 -26.27 -25.70
C ASP E 276 9.83 -26.29 -24.95
N ASP E 277 10.23 -25.16 -24.38
CA ASP E 277 11.44 -25.04 -23.55
C ASP E 277 12.71 -25.30 -24.34
N GLY E 278 12.67 -25.17 -25.66
CA GLY E 278 13.80 -25.54 -26.51
C GLY E 278 14.34 -24.37 -27.32
N ILE E 279 15.66 -24.29 -27.38
CA ILE E 279 16.36 -23.32 -28.22
C ILE E 279 16.95 -24.06 -29.42
N ARG E 280 16.65 -23.56 -30.61
CA ARG E 280 17.09 -24.18 -31.85
C ARG E 280 17.88 -23.18 -32.68
N ILE E 281 18.96 -23.66 -33.30
CA ILE E 281 19.85 -22.83 -34.10
C ILE E 281 19.71 -23.24 -35.56
N PHE E 282 19.46 -22.26 -36.43
CA PHE E 282 19.31 -22.48 -37.86
C PHE E 282 20.39 -21.70 -38.60
N LYS E 283 20.95 -22.31 -39.65
CA LYS E 283 21.93 -21.68 -40.51
C LYS E 283 21.54 -21.88 -41.96
N GLU E 284 21.74 -20.85 -42.77
CA GLU E 284 21.41 -20.92 -44.18
C GLU E 284 22.33 -21.91 -44.88
N SER E 285 21.75 -22.68 -45.81
CA SER E 285 22.52 -23.68 -46.54
C SER E 285 23.55 -23.01 -47.44
N SER E 286 24.61 -23.76 -47.75
CA SER E 286 25.71 -23.18 -48.52
C SER E 286 25.30 -22.91 -49.96
N ASP E 287 24.49 -23.79 -50.55
CA ASP E 287 24.05 -23.63 -51.93
C ASP E 287 22.63 -23.09 -52.03
N SER E 288 22.10 -22.52 -50.95
CA SER E 288 20.73 -22.02 -50.96
C SER E 288 20.58 -20.88 -51.94
N LYS E 289 19.48 -20.91 -52.70
CA LYS E 289 19.23 -19.92 -53.73
C LYS E 289 18.66 -18.64 -53.12
N PRO E 290 18.97 -17.48 -53.70
CA PRO E 290 18.45 -16.22 -53.13
C PRO E 290 16.96 -16.01 -53.30
N ASP E 291 16.26 -16.81 -54.11
CA ASP E 291 14.81 -16.70 -54.18
C ASP E 291 14.07 -17.81 -53.46
N GLU E 292 14.72 -18.93 -53.20
CA GLU E 292 14.17 -20.00 -52.37
C GLU E 292 15.26 -20.50 -51.42
N PRO E 293 15.60 -19.72 -50.39
CA PRO E 293 16.66 -20.14 -49.48
C PRO E 293 16.24 -21.34 -48.65
N THR E 294 17.22 -22.16 -48.30
CA THR E 294 17.01 -23.34 -47.48
C THR E 294 17.81 -23.18 -46.19
N PHE E 295 17.11 -23.30 -45.06
CA PHE E 295 17.71 -23.19 -43.73
C PHE E 295 17.59 -24.52 -43.02
N GLU E 296 18.68 -24.98 -42.43
CA GLU E 296 18.73 -26.27 -41.75
C GLU E 296 19.08 -26.08 -40.28
N GLN E 297 18.47 -26.88 -39.44
CA GLN E 297 18.71 -26.84 -37.99
C GLN E 297 20.01 -27.56 -37.69
N ILE E 298 21.03 -26.82 -37.26
CA ILE E 298 22.34 -27.41 -37.04
C ILE E 298 22.48 -27.99 -35.63
N THR E 299 21.84 -27.36 -34.63
CA THR E 299 21.93 -27.84 -33.26
C THR E 299 20.72 -27.31 -32.49
N ALA E 300 20.45 -27.94 -31.35
CA ALA E 300 19.32 -27.54 -30.53
C ALA E 300 19.48 -28.13 -29.13
N GLU E 301 18.86 -27.47 -28.16
CA GLU E 301 18.83 -27.94 -26.77
C GLU E 301 17.36 -27.99 -26.36
N GLU E 302 16.76 -29.17 -26.49
CA GLU E 302 15.34 -29.32 -26.19
C GLU E 302 15.04 -29.01 -24.72
N GLY E 303 15.99 -29.27 -23.83
CA GLY E 303 15.80 -28.96 -22.43
C GLY E 303 16.55 -27.71 -22.01
N ALA E 304 16.55 -26.70 -22.89
CA ALA E 304 17.32 -25.48 -22.61
C ALA E 304 16.85 -24.81 -21.33
N HIS E 305 15.55 -24.87 -21.06
CA HIS E 305 14.99 -24.35 -19.82
C HIS E 305 13.96 -25.35 -19.31
N ASP E 306 13.52 -25.13 -18.06
CA ASP E 306 12.47 -25.93 -17.47
C ASP E 306 11.08 -25.44 -17.82
N GLN E 307 10.96 -24.22 -18.35
CA GLN E 307 9.68 -23.67 -18.78
C GLN E 307 9.89 -22.96 -20.11
N ASP E 308 8.89 -22.16 -20.52
CA ASP E 308 8.93 -21.52 -21.82
C ASP E 308 10.12 -20.57 -21.96
N VAL E 309 10.82 -20.65 -23.09
CA VAL E 309 11.90 -19.72 -23.39
C VAL E 309 11.28 -18.45 -23.97
N ASN E 310 11.53 -17.31 -23.31
CA ASN E 310 10.84 -16.07 -23.66
C ASN E 310 11.60 -15.23 -24.68
N SER E 311 12.93 -15.17 -24.58
CA SER E 311 13.70 -14.30 -25.45
C SER E 311 15.07 -14.92 -25.70
N VAL E 312 15.60 -14.66 -26.89
CA VAL E 312 16.96 -15.04 -27.27
C VAL E 312 17.58 -13.87 -28.02
N GLN E 313 18.83 -13.57 -27.69
CA GLN E 313 19.54 -12.43 -28.27
C GLN E 313 21.00 -12.78 -28.49
N TRP E 314 21.46 -12.60 -29.73
CA TRP E 314 22.87 -12.78 -30.03
C TRP E 314 23.70 -11.63 -29.49
N ASN E 315 24.99 -11.89 -29.28
CA ASN E 315 25.89 -10.84 -28.81
C ASN E 315 26.52 -10.14 -30.00
N PRO E 316 26.44 -8.80 -30.06
CA PRO E 316 27.05 -8.10 -31.21
C PRO E 316 28.57 -8.10 -31.20
N VAL E 317 29.20 -8.22 -30.03
CA VAL E 317 30.66 -8.18 -29.97
C VAL E 317 31.26 -9.58 -30.03
N VAL E 318 30.71 -10.50 -29.25
CA VAL E 318 31.22 -11.87 -29.16
C VAL E 318 30.43 -12.72 -30.13
N ALA E 319 31.10 -13.23 -31.16
CA ALA E 319 30.46 -14.06 -32.17
C ALA E 319 30.18 -15.45 -31.62
N GLY E 320 28.92 -15.88 -31.72
CA GLY E 320 28.52 -17.19 -31.25
C GLY E 320 28.05 -17.27 -29.82
N GLN E 321 27.97 -16.13 -29.11
CA GLN E 321 27.51 -16.10 -27.74
C GLN E 321 26.04 -15.69 -27.72
N LEU E 322 25.20 -16.54 -27.14
CA LEU E 322 23.77 -16.33 -27.09
C LEU E 322 23.30 -16.23 -25.64
N ILE E 323 22.28 -15.41 -25.41
CA ILE E 323 21.67 -15.27 -24.10
C ILE E 323 20.18 -15.55 -24.23
N SER E 324 19.58 -16.04 -23.14
CA SER E 324 18.17 -16.40 -23.15
C SER E 324 17.62 -16.32 -21.74
N CYS E 325 16.31 -16.11 -21.65
CA CYS E 325 15.58 -16.10 -20.39
C CYS E 325 14.31 -16.93 -20.54
N SER E 326 13.67 -17.23 -19.41
CA SER E 326 12.54 -18.15 -19.41
C SER E 326 11.62 -17.85 -18.25
N ASP E 327 10.44 -18.47 -18.28
CA ASP E 327 9.48 -18.39 -17.18
C ASP E 327 9.93 -19.16 -15.96
N ASP E 328 10.98 -19.98 -16.06
CA ASP E 328 11.54 -20.66 -14.89
C ASP E 328 12.38 -19.74 -14.02
N GLY E 329 12.51 -18.47 -14.39
CA GLY E 329 13.29 -17.54 -13.59
C GLY E 329 14.78 -17.65 -13.77
N THR E 330 15.25 -18.09 -14.94
CA THR E 330 16.67 -18.26 -15.19
C THR E 330 17.09 -17.50 -16.43
N ILE E 331 18.32 -17.01 -16.39
CA ILE E 331 19.00 -16.42 -17.55
C ILE E 331 20.19 -17.30 -17.85
N LYS E 332 20.29 -17.75 -19.11
CA LYS E 332 21.33 -18.69 -19.51
C LYS E 332 22.09 -18.14 -20.69
N ILE E 333 23.42 -18.09 -20.56
CA ILE E 333 24.32 -17.65 -21.63
C ILE E 333 24.92 -18.88 -22.29
N TRP E 334 24.84 -18.94 -23.61
CA TRP E 334 25.23 -20.11 -24.37
C TRP E 334 26.36 -19.77 -25.31
N LYS E 335 27.05 -20.83 -25.77
CA LYS E 335 28.12 -20.71 -26.74
C LYS E 335 27.92 -21.78 -27.80
N VAL E 336 27.68 -21.36 -29.03
CA VAL E 336 27.42 -22.26 -30.15
C VAL E 336 28.68 -22.42 -30.97
N THR E 337 28.96 -23.65 -31.38
CA THR E 337 30.11 -23.98 -32.22
C THR E 337 29.61 -24.68 -33.47
N GLU E 338 29.79 -24.03 -34.62
CA GLU E 338 29.34 -24.58 -35.89
C GLU E 338 30.14 -25.82 -36.26
N GLY F 3 -26.41 14.74 0.95
CA GLY F 3 -25.58 15.12 -0.18
C GLY F 3 -25.42 14.04 -1.21
N ARG F 4 -25.16 14.43 -2.46
CA ARG F 4 -25.03 13.46 -3.54
C ARG F 4 -23.78 12.62 -3.38
N GLY F 5 -22.67 13.23 -2.94
CA GLY F 5 -21.45 12.49 -2.73
C GLY F 5 -21.53 11.58 -1.52
N ARG F 6 -20.58 10.64 -1.45
CA ARG F 6 -20.51 9.69 -0.37
C ARG F 6 -19.07 9.50 0.07
N LEU F 7 -18.88 9.31 1.38
CA LEU F 7 -17.57 9.09 1.97
C LEU F 7 -17.52 7.67 2.51
N ILE F 8 -16.58 6.87 2.00
CA ILE F 8 -16.52 5.44 2.28
C ILE F 8 -15.24 5.15 3.07
N LEU F 9 -15.38 4.42 4.18
CA LEU F 9 -14.24 4.03 5.00
C LEU F 9 -13.58 2.80 4.39
N GLU F 10 -12.30 2.92 4.03
CA GLU F 10 -11.57 1.80 3.44
C GLU F 10 -10.77 1.03 4.49
N HIS F 11 -10.04 1.73 5.36
CA HIS F 11 -9.18 1.08 6.32
C HIS F 11 -9.22 1.82 7.65
N THR F 12 -8.97 1.09 8.73
CA THR F 12 -8.86 1.64 10.07
C THR F 12 -7.61 1.07 10.72
N LEU F 13 -6.71 1.94 11.15
CA LEU F 13 -5.43 1.53 11.71
C LEU F 13 -5.30 2.06 13.14
N GLN F 14 -4.78 1.23 14.02
CA GLN F 14 -4.73 1.49 15.45
C GLN F 14 -3.32 1.26 15.98
N GLY F 15 -2.32 1.79 15.27
CA GLY F 15 -0.95 1.44 15.59
C GLY F 15 -0.44 2.10 16.87
N HIS F 16 -0.74 3.37 17.05
CA HIS F 16 -0.23 4.12 18.19
C HIS F 16 -1.02 3.80 19.45
N LYS F 17 -0.44 4.20 20.59
CA LYS F 17 -1.10 4.12 21.89
C LYS F 17 -1.35 5.55 22.35
N GLY F 18 -2.61 5.93 22.44
CA GLY F 18 -2.98 7.28 22.78
C GLY F 18 -3.45 8.07 21.57
N ARG F 19 -3.50 9.39 21.76
CA ARG F 19 -3.98 10.26 20.70
C ARG F 19 -2.97 10.33 19.56
N ILE F 20 -3.47 10.47 18.34
CA ILE F 20 -2.65 10.56 17.14
C ILE F 20 -2.84 11.96 16.56
N TRP F 21 -1.74 12.70 16.44
CA TRP F 21 -1.81 14.11 16.06
C TRP F 21 -1.75 14.35 14.56
N GLY F 22 -0.85 13.68 13.86
CA GLY F 22 -0.61 13.98 12.45
C GLY F 22 -0.46 12.74 11.61
N VAL F 23 -0.82 12.89 10.33
CA VAL F 23 -0.60 11.88 9.31
C VAL F 23 -0.15 12.61 8.05
N ALA F 24 0.74 11.98 7.28
CA ALA F 24 1.31 12.62 6.10
C ALA F 24 1.56 11.58 5.02
N TRP F 25 1.13 11.89 3.80
CA TRP F 25 1.34 10.99 2.66
C TRP F 25 2.75 11.15 2.12
N HIS F 26 3.36 10.02 1.76
CA HIS F 26 4.58 10.04 0.97
C HIS F 26 4.27 10.60 -0.42
N PRO F 27 5.24 11.31 -1.04
CA PRO F 27 4.98 11.88 -2.38
C PRO F 27 4.57 10.84 -3.41
N LYS F 28 4.91 9.57 -3.18
CA LYS F 28 4.50 8.50 -4.06
C LYS F 28 3.11 7.96 -3.75
N GLY F 29 2.53 8.34 -2.61
CA GLY F 29 1.16 7.96 -2.31
C GLY F 29 0.94 6.51 -1.91
N ASN F 30 1.98 5.69 -1.85
CA ASN F 30 1.88 4.30 -1.44
C ASN F 30 2.32 4.08 0.01
N VAL F 31 2.82 5.13 0.67
CA VAL F 31 3.30 5.05 2.04
C VAL F 31 2.84 6.30 2.76
N PHE F 32 2.56 6.17 4.06
CA PHE F 32 2.27 7.32 4.89
C PHE F 32 2.91 7.12 6.26
N ALA F 33 3.01 8.22 7.00
CA ALA F 33 3.60 8.23 8.33
C ALA F 33 2.63 8.88 9.31
N SER F 34 2.76 8.50 10.58
CA SER F 34 1.88 9.00 11.63
C SER F 34 2.67 9.23 12.90
N CYS F 35 2.32 10.31 13.61
CA CYS F 35 2.94 10.67 14.87
C CYS F 35 1.86 10.90 15.91
N GLY F 36 2.25 10.87 17.18
CA GLY F 36 1.27 11.03 18.22
C GLY F 36 1.88 11.26 19.58
N GLU F 37 1.05 11.05 20.60
CA GLU F 37 1.42 11.29 21.99
C GLU F 37 2.48 10.30 22.49
N ASP F 38 2.57 9.12 21.87
CA ASP F 38 3.50 8.09 22.32
C ASP F 38 4.95 8.37 21.97
N LYS F 39 5.25 9.56 21.44
CA LYS F 39 6.60 10.00 21.12
C LYS F 39 7.25 9.14 20.04
N ALA F 40 6.45 8.51 19.18
CA ALA F 40 6.98 7.60 18.16
C ALA F 40 6.37 7.91 16.81
N ILE F 41 7.16 7.70 15.76
CA ILE F 41 6.73 7.87 14.38
C ILE F 41 6.62 6.48 13.75
N ARG F 42 5.49 6.21 13.11
CA ARG F 42 5.27 4.94 12.43
C ARG F 42 5.15 5.18 10.93
N ILE F 43 5.97 4.47 10.16
CA ILE F 43 5.93 4.52 8.70
C ILE F 43 5.10 3.34 8.23
N TRP F 44 4.03 3.62 7.48
CA TRP F 44 3.08 2.60 7.03
C TRP F 44 3.23 2.40 5.53
N SER F 45 3.51 1.17 5.12
CA SER F 45 3.60 0.80 3.72
C SER F 45 2.44 -0.11 3.34
N LEU F 46 2.00 0.00 2.10
CA LEU F 46 0.90 -0.79 1.59
C LEU F 46 1.45 -1.97 0.78
N THR F 47 1.19 -3.18 1.25
CA THR F 47 1.55 -4.40 0.54
C THR F 47 0.27 -5.15 0.23
N GLY F 48 -0.03 -5.30 -1.06
CA GLY F 48 -1.29 -5.93 -1.44
C GLY F 48 -2.44 -5.02 -1.09
N ASN F 49 -3.43 -5.58 -0.38
CA ASN F 49 -4.60 -4.82 0.05
CA ASN F 49 -4.59 -4.81 0.06
C ASN F 49 -4.54 -4.45 1.53
N THR F 50 -3.47 -4.82 2.23
CA THR F 50 -3.35 -4.62 3.67
C THR F 50 -2.27 -3.58 3.98
N TRP F 51 -2.61 -2.65 4.88
CA TRP F 51 -1.65 -1.66 5.37
C TRP F 51 -0.98 -2.19 6.63
N SER F 52 0.32 -1.95 6.75
CA SER F 52 1.08 -2.44 7.88
C SER F 52 2.20 -1.45 8.19
N THR F 53 2.66 -1.50 9.43
CA THR F 53 3.78 -0.66 9.87
C THR F 53 5.08 -1.33 9.46
N LYS F 54 5.85 -0.67 8.59
CA LYS F 54 7.13 -1.24 8.14
C LYS F 54 8.28 -0.89 9.08
N THR F 55 8.27 0.30 9.67
CA THR F 55 9.33 0.74 10.58
C THR F 55 8.71 1.57 11.69
N ILE F 56 9.30 1.48 12.88
CA ILE F 56 8.87 2.24 14.05
C ILE F 56 10.05 3.07 14.52
N LEU F 57 9.87 4.39 14.57
CA LEU F 57 10.91 5.32 14.98
C LEU F 57 10.66 5.73 16.43
N SER F 58 11.60 5.41 17.32
CA SER F 58 11.50 5.77 18.73
C SER F 58 12.77 6.53 19.13
N ASP F 59 12.70 7.12 20.33
CA ASP F 59 13.81 7.85 20.95
C ASP F 59 14.13 9.12 20.16
N GLY F 60 13.41 9.38 19.07
CA GLY F 60 13.66 10.59 18.30
C GLY F 60 13.28 11.85 19.03
N HIS F 61 12.23 11.79 19.84
CA HIS F 61 11.75 12.95 20.57
C HIS F 61 11.37 12.55 21.99
N LYS F 62 11.64 13.44 22.94
CA LYS F 62 11.31 13.15 24.33
C LYS F 62 9.86 13.46 24.65
N ARG F 63 9.26 14.43 23.96
CA ARG F 63 7.89 14.83 24.20
C ARG F 63 7.02 14.50 22.99
N THR F 64 5.76 14.94 23.03
CA THR F 64 4.80 14.62 21.99
C THR F 64 5.23 15.17 20.65
N ILE F 65 5.04 14.37 19.60
CA ILE F 65 5.35 14.76 18.22
C ILE F 65 4.05 15.27 17.60
N ARG F 66 4.02 16.55 17.23
CA ARG F 66 2.79 17.19 16.79
C ARG F 66 2.54 16.98 15.31
N GLU F 67 3.57 17.08 14.47
CA GLU F 67 3.38 16.97 13.04
C GLU F 67 4.63 16.38 12.40
N ILE F 68 4.40 15.69 11.28
CA ILE F 68 5.48 15.17 10.43
C ILE F 68 5.14 15.50 8.99
N ARG F 69 6.17 15.83 8.20
CA ARG F 69 5.98 16.18 6.80
C ARG F 69 7.07 15.55 5.96
N TRP F 70 6.67 14.98 4.82
CA TRP F 70 7.62 14.43 3.86
C TRP F 70 8.18 15.54 2.98
N SER F 71 9.47 15.41 2.65
CA SER F 71 10.07 16.30 1.68
C SER F 71 9.53 16.00 0.28
N PRO F 72 9.68 16.93 -0.67
CA PRO F 72 9.25 16.64 -2.03
C PRO F 72 9.90 15.38 -2.59
N CYS F 73 11.20 15.20 -2.40
CA CYS F 73 11.81 13.90 -2.62
C CYS F 73 11.36 12.95 -1.52
N GLY F 74 11.20 11.68 -1.88
CA GLY F 74 10.80 10.74 -0.86
C GLY F 74 11.87 10.39 0.16
N GLN F 75 12.97 11.14 0.22
CA GLN F 75 14.13 10.71 0.99
C GLN F 75 14.02 11.10 2.47
N TYR F 76 13.57 12.31 2.76
CA TYR F 76 13.69 12.88 4.10
C TYR F 76 12.32 13.11 4.72
N LEU F 77 12.28 12.99 6.05
CA LEU F 77 11.09 13.21 6.85
C LEU F 77 11.44 14.13 8.01
N ALA F 78 10.55 15.08 8.30
CA ALA F 78 10.74 16.05 9.37
C ALA F 78 9.65 15.90 10.41
N SER F 79 10.02 16.01 11.69
CA SER F 79 9.09 15.84 12.80
C SER F 79 9.20 17.04 13.75
N ALA F 80 8.07 17.69 14.01
CA ALA F 80 8.00 18.78 14.97
C ALA F 80 7.44 18.25 16.28
N SER F 81 8.16 18.51 17.38
CA SER F 81 7.81 17.94 18.66
C SER F 81 7.72 19.03 19.72
N PHE F 82 7.15 18.65 20.86
CA PHE F 82 7.01 19.56 21.99
C PHE F 82 8.30 19.74 22.77
N ASP F 83 9.34 18.98 22.45
CA ASP F 83 10.65 19.16 23.08
C ASP F 83 11.46 20.29 22.44
N ALA F 84 10.79 21.22 21.75
CA ALA F 84 11.43 22.39 21.15
C ALA F 84 12.44 22.03 20.08
N THR F 85 12.29 20.87 19.46
CA THR F 85 13.23 20.40 18.44
C THR F 85 12.46 19.92 17.22
N THR F 86 13.16 19.92 16.08
CA THR F 86 12.63 19.44 14.81
C THR F 86 13.62 18.43 14.23
N ALA F 87 13.25 17.15 14.27
CA ALA F 87 14.14 16.09 13.82
C ALA F 87 14.00 15.84 12.33
N ILE F 88 15.11 15.48 11.69
CA ILE F 88 15.16 15.14 10.27
C ILE F 88 15.64 13.70 10.15
N TRP F 89 14.87 12.87 9.47
CA TRP F 89 15.16 11.46 9.30
C TRP F 89 15.50 11.16 7.85
N SER F 90 16.40 10.20 7.65
CA SER F 90 16.80 9.77 6.32
C SER F 90 17.32 8.34 6.41
N LYS F 91 17.29 7.65 5.26
CA LYS F 91 17.63 6.24 5.21
C LYS F 91 18.99 6.06 4.54
N SER F 92 20.01 6.62 5.19
CA SER F 92 21.38 6.49 4.70
C SER F 92 21.95 5.10 4.99
N SER F 93 21.45 4.41 6.01
CA SER F 93 21.99 3.13 6.44
C SER F 93 21.13 1.96 5.98
N GLY F 94 20.22 2.17 5.03
CA GLY F 94 19.19 1.19 4.75
C GLY F 94 18.07 1.15 5.75
N GLU F 95 18.15 1.97 6.82
CA GLU F 95 17.09 2.11 7.80
C GLU F 95 16.97 3.60 8.15
N PHE F 96 15.76 4.01 8.51
CA PHE F 96 15.52 5.40 8.84
C PHE F 96 16.19 5.77 10.15
N GLU F 97 16.99 6.82 10.12
CA GLU F 97 17.70 7.29 11.30
C GLU F 97 17.67 8.81 11.33
N CYS F 98 17.75 9.36 12.53
CA CYS F 98 17.75 10.81 12.75
C CYS F 98 19.17 11.33 12.56
N ASN F 99 19.42 11.98 11.43
CA ASN F 99 20.74 12.54 11.14
C ASN F 99 20.92 13.93 11.73
N ALA F 100 19.92 14.80 11.62
CA ALA F 100 20.02 16.17 12.09
C ALA F 100 18.87 16.50 13.04
N THR F 101 19.10 17.51 13.86
CA THR F 101 18.11 18.03 14.79
C THR F 101 18.15 19.54 14.75
N LEU F 102 17.00 20.17 14.53
CA LEU F 102 16.90 21.63 14.42
C LEU F 102 16.42 22.19 15.75
N GLU F 103 17.33 22.86 16.46
CA GLU F 103 17.02 23.50 17.72
C GLU F 103 17.01 25.02 17.54
N GLY F 104 16.43 25.70 18.52
CA GLY F 104 16.38 27.15 18.48
C GLY F 104 15.11 27.71 19.07
N HIS F 105 14.00 27.02 18.88
CA HIS F 105 12.74 27.46 19.45
C HIS F 105 12.81 27.37 20.97
N GLU F 106 12.19 28.35 21.63
CA GLU F 106 12.16 28.36 23.09
C GLU F 106 11.14 27.37 23.63
N ASN F 107 10.02 27.18 22.93
CA ASN F 107 8.94 26.33 23.41
C ASN F 107 8.63 25.20 22.44
N GLU F 108 7.45 24.61 22.59
CA GLU F 108 7.07 23.46 21.78
C GLU F 108 6.94 23.86 20.32
N VAL F 109 7.47 23.02 19.43
CA VAL F 109 7.36 23.22 18.00
C VAL F 109 6.02 22.65 17.53
N LYS F 110 5.22 23.48 16.85
CA LYS F 110 3.87 23.09 16.44
C LYS F 110 3.79 22.57 15.01
N SER F 111 4.66 23.01 14.10
CA SER F 111 4.47 22.63 12.71
C SER F 111 5.78 22.65 11.93
N VAL F 112 5.85 21.82 10.89
CA VAL F 112 6.93 21.81 9.92
C VAL F 112 6.33 21.93 8.53
N SER F 113 7.16 22.34 7.57
CA SER F 113 6.73 22.36 6.18
C SER F 113 7.97 22.40 5.29
N TRP F 114 7.87 21.72 4.14
CA TRP F 114 8.90 21.76 3.11
C TRP F 114 8.44 22.67 1.98
N SER F 115 9.41 23.35 1.36
CA SER F 115 9.14 24.12 0.17
C SER F 115 8.99 23.20 -1.03
N ARG F 116 8.40 23.72 -2.10
CA ARG F 116 8.22 22.93 -3.31
C ARG F 116 9.54 22.41 -3.84
N SER F 117 10.59 23.25 -3.82
CA SER F 117 11.89 22.79 -4.28
C SER F 117 12.47 21.72 -3.36
N GLY F 118 12.10 21.74 -2.08
CA GLY F 118 12.66 20.84 -1.11
C GLY F 118 13.92 21.34 -0.43
N GLY F 119 14.39 22.54 -0.77
CA GLY F 119 15.56 23.12 -0.18
C GLY F 119 15.31 24.10 0.94
N LEU F 120 14.05 24.40 1.25
CA LEU F 120 13.69 25.28 2.35
C LEU F 120 12.76 24.55 3.31
N LEU F 121 13.01 24.69 4.60
CA LEU F 121 12.20 24.09 5.65
C LEU F 121 11.81 25.17 6.65
N ALA F 122 10.53 25.16 7.05
CA ALA F 122 9.99 26.15 7.96
C ALA F 122 9.39 25.48 9.18
N THR F 123 9.63 26.07 10.36
CA THR F 123 9.06 25.61 11.61
C THR F 123 8.44 26.79 12.35
N CYS F 124 7.45 26.49 13.18
CA CYS F 124 6.84 27.48 14.05
C CYS F 124 6.56 26.84 15.40
N SER F 125 6.51 27.68 16.44
CA SER F 125 6.44 27.20 17.80
C SER F 125 5.46 28.02 18.61
N ARG F 126 5.33 27.67 19.89
CA ARG F 126 4.54 28.43 20.84
C ARG F 126 5.21 29.73 21.26
N ASP F 127 6.50 29.90 20.94
CA ASP F 127 7.24 31.12 21.22
C ASP F 127 6.90 32.25 20.24
N LYS F 128 5.81 32.12 19.49
CA LYS F 128 5.31 33.14 18.57
C LYS F 128 6.23 33.38 17.38
N SER F 129 7.17 32.47 17.12
CA SER F 129 8.18 32.67 16.09
C SER F 129 8.02 31.67 14.95
N VAL F 130 8.55 32.05 13.79
CA VAL F 130 8.56 31.22 12.60
C VAL F 130 9.98 31.21 12.05
N TRP F 131 10.60 30.03 12.04
CA TRP F 131 11.96 29.87 11.55
C TRP F 131 11.96 29.30 10.14
N ILE F 132 12.91 29.76 9.33
CA ILE F 132 13.10 29.27 7.97
C ILE F 132 14.54 28.79 7.85
N TRP F 133 14.71 27.59 7.31
CA TRP F 133 16.01 26.95 7.21
C TRP F 133 16.36 26.66 5.75
N GLU F 134 17.66 26.68 5.46
CA GLU F 134 18.18 26.29 4.15
C GLU F 134 18.92 24.96 4.28
N VAL F 135 18.86 24.16 3.24
CA VAL F 135 19.44 22.82 3.23
C VAL F 135 20.63 22.84 2.28
N ALA F 136 21.83 22.97 2.83
CA ALA F 136 23.07 22.90 2.06
C ALA F 136 23.64 21.50 2.21
N GLY F 137 23.66 20.74 1.12
CA GLY F 137 24.07 19.36 1.19
C GLY F 137 23.10 18.52 2.00
N ASP F 138 23.49 17.28 2.22
CA ASP F 138 22.68 16.36 3.01
C ASP F 138 22.99 16.54 4.50
N ASP F 139 21.97 16.29 5.32
CA ASP F 139 22.09 16.24 6.78
C ASP F 139 22.49 17.58 7.38
N GLU F 140 22.62 18.62 6.55
CA GLU F 140 23.06 19.93 7.01
C GLU F 140 22.00 20.97 6.71
N PHE F 141 21.69 21.80 7.70
CA PHE F 141 20.67 22.83 7.60
C PHE F 141 21.21 24.14 8.15
N GLU F 142 20.81 25.24 7.52
CA GLU F 142 21.29 26.57 7.88
C GLU F 142 20.08 27.50 8.02
N CYS F 143 19.99 28.17 9.16
CA CYS F 143 18.86 29.04 9.43
C CYS F 143 18.93 30.30 8.58
N ALA F 144 17.88 30.57 7.82
CA ALA F 144 17.83 31.72 6.93
C ALA F 144 17.20 32.95 7.59
N ALA F 145 16.19 32.75 8.42
CA ALA F 145 15.51 33.88 9.05
C ALA F 145 14.77 33.40 10.29
N VAL F 146 14.69 34.29 11.27
CA VAL F 146 13.89 34.10 12.47
C VAL F 146 12.89 35.24 12.54
N LEU F 147 11.60 34.90 12.47
CA LEU F 147 10.54 35.88 12.32
C LEU F 147 9.63 35.86 13.54
N ASN F 148 9.34 37.04 14.08
CA ASN F 148 8.41 37.15 15.21
C ASN F 148 7.27 38.11 14.92
N PRO F 149 6.54 37.96 13.80
CA PRO F 149 5.45 38.90 13.53
C PRO F 149 4.18 38.55 14.31
N HIS F 150 3.96 37.26 14.57
CA HIS F 150 2.76 36.86 15.28
C HIS F 150 2.83 37.22 16.76
N THR F 151 1.70 37.68 17.30
CA THR F 151 1.62 38.08 18.70
C THR F 151 1.29 36.91 19.62
N GLN F 152 0.85 35.78 19.08
CA GLN F 152 0.48 34.63 19.91
C GLN F 152 1.05 33.32 19.36
N ASP F 153 0.59 32.21 19.92
CA ASP F 153 1.07 30.88 19.53
C ASP F 153 0.81 30.63 18.04
N VAL F 154 1.84 30.17 17.33
CA VAL F 154 1.72 29.89 15.90
C VAL F 154 1.39 28.42 15.72
N LYS F 155 0.30 28.15 15.00
CA LYS F 155 -0.24 26.79 14.95
C LYS F 155 0.28 25.98 13.77
N ARG F 156 0.48 26.62 12.61
CA ARG F 156 0.80 25.87 11.40
C ARG F 156 1.61 26.73 10.45
N VAL F 157 2.48 26.06 9.68
CA VAL F 157 3.22 26.69 8.59
C VAL F 157 3.07 25.80 7.35
N VAL F 158 2.82 26.43 6.20
CA VAL F 158 2.58 25.73 4.94
C VAL F 158 3.21 26.54 3.81
N TRP F 159 3.97 25.87 2.94
CA TRP F 159 4.64 26.53 1.84
C TRP F 159 3.74 26.60 0.61
N HIS F 160 4.06 27.54 -0.27
CA HIS F 160 3.29 27.73 -1.50
C HIS F 160 3.65 26.63 -2.50
N PRO F 161 2.69 26.14 -3.29
CA PRO F 161 3.00 25.05 -4.23
C PRO F 161 3.84 25.49 -5.41
N THR F 162 3.55 26.65 -6.01
CA THR F 162 4.25 27.09 -7.20
C THR F 162 5.53 27.86 -6.87
N LYS F 163 5.48 28.69 -5.84
CA LYS F 163 6.56 29.60 -5.50
C LYS F 163 7.06 29.31 -4.09
N ASP F 164 8.12 30.02 -3.68
CA ASP F 164 8.67 29.88 -2.33
C ASP F 164 8.08 30.96 -1.43
N ILE F 165 6.79 30.79 -1.15
CA ILE F 165 6.05 31.67 -0.24
C ILE F 165 5.61 30.85 0.96
N LEU F 166 5.76 31.42 2.15
CA LEU F 166 5.41 30.75 3.40
C LEU F 166 4.16 31.36 4.01
N ALA F 167 3.26 30.50 4.47
CA ALA F 167 2.05 30.91 5.16
C ALA F 167 2.06 30.35 6.58
N SER F 168 1.63 31.17 7.54
CA SER F 168 1.60 30.78 8.94
C SER F 168 0.24 31.14 9.54
N ALA F 169 -0.34 30.19 10.27
CA ALA F 169 -1.59 30.39 10.99
C ALA F 169 -1.31 30.41 12.48
N SER F 170 -2.00 31.27 13.22
CA SER F 170 -1.62 31.53 14.60
C SER F 170 -2.84 31.59 15.52
N TYR F 171 -2.55 31.42 16.81
CA TYR F 171 -3.50 31.61 17.89
C TYR F 171 -3.99 33.06 18.00
N ASP F 172 -3.29 34.01 17.36
CA ASP F 172 -3.72 35.39 17.34
C ASP F 172 -4.77 35.67 16.26
N ASN F 173 -5.42 34.63 15.74
CA ASN F 173 -6.55 34.71 14.81
C ASN F 173 -6.17 35.21 13.44
N THR F 174 -4.87 35.27 13.11
CA THR F 174 -4.44 35.81 11.83
C THR F 174 -3.58 34.81 11.08
N ILE F 175 -3.49 35.04 9.78
CA ILE F 175 -2.58 34.34 8.89
C ILE F 175 -1.59 35.36 8.33
N LYS F 176 -0.37 34.91 8.07
CA LYS F 176 0.66 35.81 7.57
C LYS F 176 1.41 35.14 6.42
N MET F 177 1.63 35.90 5.36
CA MET F 177 2.39 35.46 4.20
C MET F 177 3.81 35.98 4.30
N PHE F 178 4.77 35.17 3.82
CA PHE F 178 6.18 35.52 3.89
C PHE F 178 6.82 35.28 2.53
N ALA F 179 7.50 36.30 2.01
CA ALA F 179 8.22 36.22 0.76
C ALA F 179 9.63 36.75 0.95
N GLU F 180 10.53 36.32 0.07
CA GLU F 180 11.92 36.72 0.15
C GLU F 180 12.13 38.02 -0.62
N GLU F 181 12.82 38.97 0.01
CA GLU F 181 13.03 40.27 -0.59
C GLU F 181 14.08 40.18 -1.71
N PRO F 182 13.85 40.81 -2.87
CA PRO F 182 14.72 40.59 -4.03
C PRO F 182 16.15 41.11 -3.88
N ILE F 183 16.31 42.34 -3.38
CA ILE F 183 17.62 42.98 -3.47
C ILE F 183 18.60 42.40 -2.46
N ASP F 184 18.15 42.15 -1.24
CA ASP F 184 19.03 41.66 -0.18
C ASP F 184 18.85 40.19 0.14
N ASN F 185 17.86 39.51 -0.44
CA ASN F 185 17.62 38.09 -0.21
C ASN F 185 17.33 37.80 1.27
N ASP F 186 16.56 38.68 1.90
CA ASP F 186 16.19 38.56 3.30
C ASP F 186 14.68 38.39 3.42
N TRP F 187 14.25 37.53 4.34
CA TRP F 187 12.85 37.20 4.47
C TRP F 187 12.09 38.28 5.23
N ASP F 188 10.84 38.47 4.85
CA ASP F 188 9.99 39.49 5.46
C ASP F 188 8.53 39.10 5.24
N CYS F 189 7.65 39.72 6.02
CA CYS F 189 6.22 39.39 5.99
C CYS F 189 5.53 40.15 4.87
N THR F 190 4.79 39.43 4.03
CA THR F 190 4.14 40.04 2.88
C THR F 190 2.82 40.70 3.25
N ALA F 191 1.91 39.95 3.87
CA ALA F 191 0.59 40.48 4.18
C ALA F 191 0.02 39.76 5.39
N THR F 192 -1.04 40.35 5.94
CA THR F 192 -1.74 39.81 7.11
C THR F 192 -3.23 39.72 6.80
N LEU F 193 -3.81 38.56 7.12
CA LEU F 193 -5.19 38.24 6.80
C LEU F 193 -5.98 38.19 8.11
N THR F 194 -7.00 39.05 8.22
CA THR F 194 -7.70 39.29 9.48
C THR F 194 -9.21 39.21 9.24
N SER F 195 -9.73 37.98 9.18
CA SER F 195 -11.17 37.75 9.17
C SER F 195 -11.63 36.76 10.24
N HIS F 196 -10.76 35.87 10.70
CA HIS F 196 -11.15 34.92 11.73
C HIS F 196 -11.23 35.59 13.09
N THR F 197 -12.21 35.17 13.89
CA THR F 197 -12.43 35.70 15.23
C THR F 197 -11.79 34.86 16.32
N SER F 198 -11.10 33.79 15.97
CA SER F 198 -10.47 32.91 16.95
C SER F 198 -9.27 32.22 16.32
N THR F 199 -8.70 31.26 17.05
CA THR F 199 -7.47 30.60 16.63
C THR F 199 -7.60 29.98 15.25
N VAL F 200 -6.64 30.29 14.38
CA VAL F 200 -6.56 29.68 13.06
C VAL F 200 -5.67 28.45 13.18
N TRP F 201 -6.26 27.27 12.99
CA TRP F 201 -5.56 26.00 13.20
C TRP F 201 -4.83 25.53 11.94
N GLY F 202 -5.51 25.51 10.80
CA GLY F 202 -4.94 24.94 9.60
C GLY F 202 -5.11 25.83 8.39
N ILE F 203 -4.20 25.65 7.42
CA ILE F 203 -4.20 26.40 6.18
C ILE F 203 -3.73 25.47 5.07
N ASP F 204 -4.24 25.70 3.86
CA ASP F 204 -3.82 24.91 2.70
C ASP F 204 -4.05 25.72 1.44
N PHE F 205 -3.11 25.63 0.51
CA PHE F 205 -3.16 26.41 -0.73
C PHE F 205 -3.99 25.70 -1.79
N ASP F 206 -4.44 26.48 -2.77
CA ASP F 206 -5.06 25.94 -3.96
C ASP F 206 -4.03 25.18 -4.79
N ALA F 207 -4.52 24.49 -5.84
CA ALA F 207 -3.61 23.79 -6.74
C ALA F 207 -2.63 24.76 -7.40
N ASP F 208 -3.15 25.83 -8.00
CA ASP F 208 -2.27 26.84 -8.60
C ASP F 208 -1.56 27.67 -7.53
N GLY F 209 -2.20 27.86 -6.38
CA GLY F 209 -1.61 28.64 -5.30
C GLY F 209 -2.10 30.06 -5.19
N GLU F 210 -3.06 30.47 -6.01
CA GLU F 210 -3.66 31.79 -5.91
C GLU F 210 -4.80 31.85 -4.90
N ARG F 211 -5.10 30.74 -4.23
CA ARG F 211 -6.15 30.71 -3.21
C ARG F 211 -5.66 29.92 -2.01
N LEU F 212 -6.41 30.02 -0.91
CA LEU F 212 -6.00 29.44 0.37
C LEU F 212 -7.23 29.13 1.22
N VAL F 213 -7.28 27.90 1.79
CA VAL F 213 -8.27 27.56 2.80
C VAL F 213 -7.65 27.84 4.17
N SER F 214 -8.51 28.17 5.13
CA SER F 214 -8.10 28.31 6.52
C SER F 214 -9.27 27.89 7.39
N CYS F 215 -9.01 26.98 8.31
CA CYS F 215 -9.98 26.55 9.31
C CYS F 215 -9.59 27.12 10.65
N SER F 216 -10.59 27.37 11.49
CA SER F 216 -10.36 28.12 12.72
C SER F 216 -11.17 27.52 13.87
N ASP F 217 -10.88 28.04 15.07
CA ASP F 217 -11.62 27.71 16.27
C ASP F 217 -13.01 28.32 16.28
N ASP F 218 -13.29 29.31 15.42
CA ASP F 218 -14.61 29.91 15.32
C ASP F 218 -15.59 29.08 14.48
N THR F 219 -15.29 27.80 14.27
CA THR F 219 -16.17 26.85 13.59
C THR F 219 -16.45 27.22 12.14
N THR F 220 -15.56 28.00 11.52
CA THR F 220 -15.71 28.39 10.13
C THR F 220 -14.43 28.12 9.37
N ILE F 221 -14.59 27.94 8.05
CA ILE F 221 -13.47 27.92 7.12
C ILE F 221 -13.65 29.07 6.15
N LYS F 222 -12.53 29.62 5.69
CA LYS F 222 -12.54 30.79 4.82
C LYS F 222 -11.67 30.52 3.60
N ILE F 223 -12.10 31.08 2.46
CA ILE F 223 -11.35 31.01 1.22
C ILE F 223 -10.70 32.37 1.00
N TRP F 224 -9.39 32.38 0.84
CA TRP F 224 -8.62 33.59 0.62
C TRP F 224 -8.14 33.62 -0.82
N ARG F 225 -8.29 34.76 -1.47
CA ARG F 225 -7.86 34.93 -2.87
C ARG F 225 -6.75 35.96 -2.93
N ALA F 226 -5.69 35.64 -3.65
CA ALA F 226 -4.55 36.53 -3.83
C ALA F 226 -4.83 37.51 -4.96
N TYR F 227 -4.74 38.81 -4.67
CA TYR F 227 -5.00 39.86 -5.64
C TYR F 227 -3.71 40.61 -5.92
N HIS F 228 -3.28 40.58 -7.17
CA HIS F 228 -2.04 41.19 -7.58
C HIS F 228 -2.24 42.68 -7.89
N PRO F 229 -1.18 43.48 -7.81
CA PRO F 229 -1.32 44.92 -8.07
C PRO F 229 -1.85 45.19 -9.46
N GLY F 230 -2.82 46.09 -9.54
CA GLY F 230 -3.50 46.35 -10.80
C GLY F 230 -4.47 45.28 -11.22
N ASN F 231 -5.13 44.63 -10.27
CA ASN F 231 -6.02 43.52 -10.59
C ASN F 231 -7.28 44.02 -11.32
N THR F 232 -7.98 43.07 -11.95
CA THR F 232 -9.18 43.40 -12.68
C THR F 232 -10.31 43.82 -11.74
N ALA F 233 -10.36 43.23 -10.55
CA ALA F 233 -11.42 43.53 -9.60
C ALA F 233 -11.27 44.95 -9.06
N GLY F 234 -12.25 45.36 -8.26
CA GLY F 234 -12.24 46.65 -7.61
C GLY F 234 -11.38 46.74 -6.36
N VAL F 235 -10.59 45.72 -6.08
CA VAL F 235 -9.73 45.69 -4.91
C VAL F 235 -8.41 46.37 -5.25
N ALA F 236 -7.97 47.28 -4.39
CA ALA F 236 -6.75 48.04 -4.61
C ALA F 236 -5.70 47.67 -3.58
N THR F 237 -4.45 47.60 -4.01
CA THR F 237 -3.33 47.29 -3.13
C THR F 237 -2.53 48.55 -2.88
N PRO F 238 -2.59 49.14 -1.67
CA PRO F 238 -1.76 50.33 -1.42
C PRO F 238 -0.28 50.03 -1.45
N ASP F 239 0.16 48.90 -0.89
CA ASP F 239 1.54 48.51 -0.98
C ASP F 239 1.82 47.76 -2.27
N GLN F 240 3.11 47.58 -2.55
CA GLN F 240 3.53 46.91 -3.78
C GLN F 240 3.16 45.43 -3.74
N GLN F 241 3.23 44.81 -2.57
CA GLN F 241 3.01 43.38 -2.44
C GLN F 241 1.55 43.02 -2.71
N THR F 242 1.34 41.75 -3.05
CA THR F 242 0.00 41.23 -3.26
C THR F 242 -0.77 41.19 -1.95
N VAL F 243 -2.10 41.38 -2.05
CA VAL F 243 -2.98 41.35 -0.88
C VAL F 243 -3.94 40.19 -1.03
N TRP F 244 -4.32 39.62 0.12
CA TRP F 244 -5.28 38.52 0.18
C TRP F 244 -6.59 39.04 0.78
N LYS F 245 -7.70 38.53 0.27
CA LYS F 245 -9.03 38.94 0.70
C LYS F 245 -9.86 37.71 1.01
N CYS F 246 -10.66 37.80 2.07
CA CYS F 246 -11.59 36.73 2.41
C CYS F 246 -12.77 36.81 1.47
N VAL F 247 -12.80 35.94 0.47
CA VAL F 247 -13.84 35.97 -0.56
C VAL F 247 -14.98 35.02 -0.28
N CYS F 248 -14.87 34.17 0.75
CA CYS F 248 -15.93 33.22 1.08
C CYS F 248 -15.75 32.77 2.52
N THR F 249 -16.87 32.61 3.23
CA THR F 249 -16.86 32.16 4.61
C THR F 249 -17.96 31.11 4.78
N VAL F 250 -17.56 29.89 5.09
CA VAL F 250 -18.52 28.81 5.32
C VAL F 250 -18.82 28.76 6.81
N SER F 251 -20.07 29.00 7.17
CA SER F 251 -20.47 29.10 8.56
C SER F 251 -21.63 28.14 8.84
N GLY F 252 -21.79 27.80 10.12
CA GLY F 252 -22.84 26.90 10.53
C GLY F 252 -22.62 25.45 10.18
N GLN F 253 -21.56 25.11 9.45
CA GLN F 253 -21.33 23.73 9.05
C GLN F 253 -20.62 22.92 10.12
N HIS F 254 -19.93 23.55 11.06
CA HIS F 254 -19.15 22.85 12.06
C HIS F 254 -19.62 23.21 13.46
N SER F 255 -19.71 22.19 14.32
CA SER F 255 -20.18 22.39 15.68
C SER F 255 -19.07 22.94 16.58
N ARG F 256 -17.84 22.49 16.38
CA ARG F 256 -16.73 22.88 17.24
C ARG F 256 -15.52 23.34 16.42
N ALA F 257 -14.37 23.46 17.08
CA ALA F 257 -13.18 23.97 16.41
C ALA F 257 -12.74 23.02 15.30
N ILE F 258 -12.31 23.61 14.18
CA ILE F 258 -11.81 22.86 13.04
C ILE F 258 -10.28 22.88 13.12
N TYR F 259 -9.67 21.71 13.32
CA TYR F 259 -8.24 21.65 13.60
C TYR F 259 -7.39 21.53 12.33
N ASP F 260 -7.95 21.06 11.22
CA ASP F 260 -7.16 20.89 10.02
C ASP F 260 -8.05 20.95 8.80
N VAL F 261 -7.45 21.35 7.67
CA VAL F 261 -8.15 21.42 6.39
C VAL F 261 -7.14 21.07 5.30
N SER F 262 -7.61 20.32 4.30
CA SER F 262 -6.77 19.86 3.21
C SER F 262 -7.48 20.10 1.89
N TRP F 263 -6.80 20.75 0.96
CA TRP F 263 -7.33 21.06 -0.36
C TRP F 263 -6.61 20.19 -1.39
N CYS F 264 -7.36 19.28 -2.00
CA CYS F 264 -6.77 18.35 -2.95
C CYS F 264 -6.31 19.08 -4.22
N LYS F 265 -5.11 18.76 -4.68
CA LYS F 265 -4.57 19.35 -5.89
C LYS F 265 -4.96 18.58 -7.15
N LEU F 266 -5.60 17.42 -7.01
CA LEU F 266 -6.08 16.65 -8.15
C LEU F 266 -7.56 16.91 -8.43
N THR F 267 -8.40 16.95 -7.40
CA THR F 267 -9.83 17.11 -7.56
C THR F 267 -10.34 18.49 -7.20
N GLY F 268 -9.61 19.23 -6.37
CA GLY F 268 -10.10 20.50 -5.86
C GLY F 268 -11.05 20.38 -4.69
N LEU F 269 -11.22 19.18 -4.12
CA LEU F 269 -12.09 19.00 -2.97
C LEU F 269 -11.42 19.48 -1.69
N ILE F 270 -12.24 19.91 -0.74
CA ILE F 270 -11.77 20.45 0.53
C ILE F 270 -12.33 19.58 1.66
N ALA F 271 -11.45 19.10 2.53
CA ALA F 271 -11.83 18.30 3.67
C ALA F 271 -11.48 19.02 4.96
N THR F 272 -12.31 18.83 5.98
CA THR F 272 -12.13 19.47 7.27
C THR F 272 -12.10 18.42 8.37
N ALA F 273 -11.27 18.67 9.38
CA ALA F 273 -11.15 17.81 10.55
C ALA F 273 -11.63 18.62 11.75
N CYS F 274 -12.79 18.25 12.29
CA CYS F 274 -13.45 19.05 13.29
C CYS F 274 -13.44 18.37 14.65
N GLY F 275 -13.62 19.17 15.70
CA GLY F 275 -13.70 18.68 17.05
C GLY F 275 -14.99 17.97 17.41
N ASP F 276 -16.00 18.06 16.55
CA ASP F 276 -17.22 17.27 16.72
C ASP F 276 -17.11 15.89 16.08
N ASP F 277 -15.88 15.41 15.86
CA ASP F 277 -15.58 14.06 15.39
C ASP F 277 -15.98 13.83 13.93
N GLY F 278 -16.23 14.89 13.18
CA GLY F 278 -16.79 14.77 11.83
C GLY F 278 -15.85 15.26 10.75
N ILE F 279 -15.78 14.51 9.66
CA ILE F 279 -15.06 14.91 8.45
C ILE F 279 -16.09 15.36 7.43
N ARG F 280 -15.86 16.53 6.84
CA ARG F 280 -16.78 17.12 5.88
C ARG F 280 -16.04 17.47 4.60
N ILE F 281 -16.69 17.22 3.46
CA ILE F 281 -16.10 17.42 2.14
C ILE F 281 -16.83 18.57 1.46
N PHE F 282 -16.07 19.52 0.93
CA PHE F 282 -16.62 20.68 0.25
C PHE F 282 -16.10 20.74 -1.17
N LYS F 283 -16.97 21.16 -2.10
CA LYS F 283 -16.61 21.34 -3.49
C LYS F 283 -17.10 22.70 -3.97
N GLU F 284 -16.27 23.37 -4.77
CA GLU F 284 -16.68 24.65 -5.32
C GLU F 284 -17.76 24.45 -6.38
N SER F 285 -18.74 25.35 -6.38
CA SER F 285 -19.85 25.25 -7.33
C SER F 285 -19.36 25.49 -8.75
N SER F 286 -20.10 24.94 -9.72
CA SER F 286 -19.71 25.07 -11.11
C SER F 286 -19.84 26.50 -11.61
N ASP F 287 -20.76 27.28 -11.03
CA ASP F 287 -21.01 28.64 -11.46
C ASP F 287 -20.48 29.68 -10.48
N SER F 288 -19.62 29.28 -9.55
CA SER F 288 -19.10 30.21 -8.55
C SER F 288 -18.23 31.27 -9.20
N LYS F 289 -18.41 32.51 -8.78
CA LYS F 289 -17.64 33.62 -9.32
C LYS F 289 -16.28 33.71 -8.63
N PRO F 290 -15.23 34.12 -9.36
CA PRO F 290 -13.90 34.18 -8.75
C PRO F 290 -13.75 35.24 -7.67
N ASP F 291 -14.71 36.16 -7.53
CA ASP F 291 -14.67 37.15 -6.46
C ASP F 291 -15.63 36.83 -5.32
N GLU F 292 -16.67 36.03 -5.57
CA GLU F 292 -17.58 35.55 -4.54
C GLU F 292 -17.80 34.05 -4.74
N PRO F 293 -16.80 33.23 -4.47
CA PRO F 293 -16.97 31.78 -4.66
C PRO F 293 -17.97 31.20 -3.68
N THR F 294 -18.66 30.16 -4.11
CA THR F 294 -19.60 29.43 -3.29
C THR F 294 -19.18 27.97 -3.20
N PHE F 295 -19.02 27.48 -1.98
CA PHE F 295 -18.61 26.12 -1.72
C PHE F 295 -19.73 25.39 -0.98
N GLU F 296 -20.09 24.21 -1.49
CA GLU F 296 -21.17 23.42 -0.92
C GLU F 296 -20.64 22.10 -0.41
N GLN F 297 -21.22 21.63 0.69
CA GLN F 297 -20.82 20.37 1.31
C GLN F 297 -21.48 19.22 0.56
N ILE F 298 -20.67 18.41 -0.12
CA ILE F 298 -21.22 17.32 -0.93
C ILE F 298 -21.44 16.05 -0.10
N THR F 299 -20.62 15.82 0.93
CA THR F 299 -20.77 14.65 1.78
C THR F 299 -20.06 14.90 3.09
N ALA F 300 -20.39 14.07 4.09
CA ALA F 300 -19.78 14.20 5.40
C ALA F 300 -20.03 12.91 6.19
N GLU F 301 -19.13 12.63 7.12
CA GLU F 301 -19.26 11.51 8.04
C GLU F 301 -19.13 12.09 9.44
N GLU F 302 -20.27 12.42 10.05
CA GLU F 302 -20.26 13.11 11.34
C GLU F 302 -19.70 12.22 12.44
N GLY F 303 -19.75 10.91 12.27
CA GLY F 303 -19.18 10.00 13.26
C GLY F 303 -17.91 9.36 12.76
N ALA F 304 -17.12 10.13 12.00
CA ALA F 304 -15.91 9.58 11.38
C ALA F 304 -14.97 8.99 12.42
N HIS F 305 -14.92 9.59 13.61
CA HIS F 305 -14.11 9.07 14.69
C HIS F 305 -14.91 9.15 15.98
N ASP F 306 -14.41 8.48 17.01
CA ASP F 306 -15.03 8.51 18.33
C ASP F 306 -14.61 9.72 19.16
N GLN F 307 -13.53 10.39 18.77
CA GLN F 307 -13.08 11.61 19.44
C GLN F 307 -12.72 12.62 18.37
N ASP F 308 -12.07 13.72 18.79
CA ASP F 308 -11.76 14.81 17.87
C ASP F 308 -10.89 14.33 16.71
N VAL F 309 -11.18 14.82 15.52
CA VAL F 309 -10.35 14.56 14.35
C VAL F 309 -9.26 15.62 14.28
N ASN F 310 -8.00 15.17 14.29
CA ASN F 310 -6.88 16.10 14.39
C ASN F 310 -6.34 16.55 13.03
N SER F 311 -6.32 15.66 12.04
CA SER F 311 -5.70 15.97 10.77
C SER F 311 -6.38 15.20 9.66
N VAL F 312 -6.48 15.84 8.48
CA VAL F 312 -6.97 15.20 7.27
C VAL F 312 -6.04 15.62 6.13
N GLN F 313 -5.66 14.65 5.28
CA GLN F 313 -4.73 14.91 4.19
C GLN F 313 -5.16 14.12 2.96
N TRP F 314 -5.31 14.82 1.84
CA TRP F 314 -5.60 14.17 0.57
C TRP F 314 -4.36 13.43 0.06
N ASN F 315 -4.61 12.40 -0.75
CA ASN F 315 -3.51 11.67 -1.35
C ASN F 315 -3.03 12.39 -2.61
N PRO F 316 -1.72 12.62 -2.76
CA PRO F 316 -1.26 13.36 -3.94
C PRO F 316 -1.31 12.55 -5.22
N VAL F 317 -1.20 11.23 -5.15
CA VAL F 317 -1.22 10.40 -6.34
C VAL F 317 -2.62 9.88 -6.63
N VAL F 318 -3.29 9.35 -5.61
CA VAL F 318 -4.61 8.73 -5.77
C VAL F 318 -5.68 9.79 -5.51
N ALA F 319 -6.46 10.10 -6.54
CA ALA F 319 -7.48 11.14 -6.43
C ALA F 319 -8.69 10.62 -5.66
N GLY F 320 -9.11 11.40 -4.66
CA GLY F 320 -10.26 11.04 -3.85
C GLY F 320 -9.97 10.17 -2.65
N GLN F 321 -8.71 9.88 -2.37
CA GLN F 321 -8.32 9.09 -1.21
C GLN F 321 -7.89 10.04 -0.10
N LEU F 322 -8.57 9.95 1.04
CA LEU F 322 -8.33 10.81 2.20
C LEU F 322 -7.91 9.97 3.39
N ILE F 323 -6.96 10.49 4.17
CA ILE F 323 -6.52 9.85 5.41
C ILE F 323 -6.74 10.81 6.56
N SER F 324 -6.98 10.25 7.74
CA SER F 324 -7.25 11.06 8.93
C SER F 324 -6.83 10.31 10.17
N CYS F 325 -6.58 11.07 11.23
CA CYS F 325 -6.24 10.55 12.54
C CYS F 325 -7.06 11.30 13.60
N SER F 326 -7.11 10.74 14.81
CA SER F 326 -8.00 11.27 15.83
C SER F 326 -7.44 10.99 17.21
N ASP F 327 -8.05 11.65 18.20
CA ASP F 327 -7.73 11.41 19.60
C ASP F 327 -8.19 10.04 20.08
N ASP F 328 -9.05 9.35 19.33
CA ASP F 328 -9.43 7.98 19.67
C ASP F 328 -8.33 6.98 19.33
N GLY F 329 -7.19 7.43 18.85
CA GLY F 329 -6.08 6.53 18.55
C GLY F 329 -6.25 5.72 17.29
N THR F 330 -6.96 6.24 16.30
CA THR F 330 -7.21 5.51 15.06
C THR F 330 -6.79 6.35 13.86
N ILE F 331 -6.31 5.65 12.85
CA ILE F 331 -6.00 6.21 11.54
C ILE F 331 -6.95 5.57 10.54
N LYS F 332 -7.68 6.39 9.79
CA LYS F 332 -8.69 5.90 8.85
C LYS F 332 -8.40 6.44 7.47
N ILE F 333 -8.43 5.56 6.47
CA ILE F 333 -8.24 5.92 5.07
C ILE F 333 -9.60 5.89 4.40
N TRP F 334 -9.91 6.93 3.63
CA TRP F 334 -11.24 7.12 3.07
C TRP F 334 -11.16 7.23 1.55
N LYS F 335 -12.30 7.01 0.92
CA LYS F 335 -12.43 7.14 -0.54
C LYS F 335 -13.75 7.85 -0.81
N VAL F 336 -13.68 9.02 -1.43
CA VAL F 336 -14.86 9.85 -1.69
C VAL F 336 -15.28 9.66 -3.13
N THR F 337 -16.59 9.53 -3.34
CA THR F 337 -17.18 9.41 -4.66
C THR F 337 -18.25 10.49 -4.78
N GLU F 338 -18.04 11.45 -5.68
CA GLU F 338 -18.96 12.56 -5.86
C GLU F 338 -20.29 12.09 -6.44
K K G . -4.38 -14.33 6.75
K K H . 2.08 2.13 44.79
C1 EDO I . -2.10 -40.98 -18.09
O1 EDO I . -1.79 -39.70 -17.53
C2 EDO I . -2.28 -40.87 -19.61
O2 EDO I . -3.56 -40.33 -19.92
C1 EDO J . -1.93 -32.40 -25.64
O1 EDO J . -1.19 -32.21 -26.85
C2 EDO J . -2.93 -31.28 -25.40
O2 EDO J . -2.33 -30.25 -24.59
C1 EDO K . -22.53 22.71 25.20
O1 EDO K . -23.66 23.51 24.83
C2 EDO K . -22.32 22.82 26.70
O2 EDO K . -21.01 22.39 27.06
#